data_8W30
#
_entry.id   8W30
#
_cell.length_a   199.184
_cell.length_b   148.212
_cell.length_c   53.415
_cell.angle_alpha   90.00
_cell.angle_beta   103.18
_cell.angle_gamma   90.00
#
_symmetry.space_group_name_H-M   'C 1 2 1'
#
loop_
_entity.id
_entity.type
_entity.pdbx_description
1 polymer 'Integrin alpha-V heavy chain'
2 polymer 'Integrin beta-1'
3 branched beta-D-mannopyranose-(1-4)-2-acetamido-2-deoxy-beta-D-glucopyranose-(1-4)-2-acetamido-2-deoxy-beta-D-glucopyranose
4 branched alpha-D-mannopyranose-(1-3)-alpha-D-mannopyranose-(1-6)-[alpha-D-mannopyranose-(1-3)]beta-D-mannopyranose-(1-4)-2-acetamido-2-deoxy-beta-D-glucopyranose-(1-4)-2-acetamido-2-deoxy-beta-D-glucopyranose
5 non-polymer 'CALCIUM ION'
6 non-polymer 2-acetamido-2-deoxy-beta-D-glucopyranose
7 non-polymer N-(2,4-dichlorobenzoyl)-L-phenylalanine
8 water water
#
loop_
_entity_poly.entity_id
_entity_poly.type
_entity_poly.pdbx_seq_one_letter_code
_entity_poly.pdbx_strand_id
1 'polypeptide(L)'
;FNLDVDSPAEYSGPEGSYFGFAVDFFVPSASSRMFLLVGAPKANTTQPGIVEGGQVLKCDWSSTRRCQPIEFDATGNRDY
AKDDPLEFKSHQWFGASVRSKQDKILACAPLYHWRTEMKQEREPVGTCFLQDGTKTVEYAPCRSQDIDADGQGFCQGGFS
IDFTKADRVLLGGPGSFYWQGQLISDQVAEIVSKYDPNVYSIKYNNQLATRTAQAIFDDSYLGYSVAVGDFNGDGIDDFV
SGVPRAARTLGMVYIYDGKNMSSLYNFTGEQMAAYFGFSVAATDINGDDYADVFIGAPLFMDRGSDGKLQEVGQVSVSLQ
RASGDFQTTKLNGFEVFARFGSAIAPLGDLDQDGFNDIAIAAPYGGEDKKGIVYIFNGRSTGLNAVPSQILEGQWAARSM
PPSFGYSMKGATDIDKNGYPDLIVGAFGVDRAILYRARPVITVNAGLEVYPSILNQDNKTCSLPGTALKVSCFNVRFCLK
ADGKGVLPRKLNFQVELLLDKLKQKGAIRRALFLYSRSPSHSKNMTISRGGLMQCEELIAYLRDESEFRDKLTPITIFME
YRLDYRTAADTTGLQPILNQFTPANISRQAHILLDGTGGLEVLFQ
;
A
2 'polypeptide(L)'
;QTDENRCLKANAKSCGECIQAGPNCGWCTNSTFLQEGMPTSARCDDLEALKKKGCPPDDIENPRGSKDIKKNKNVTNRSK
GTAEKLKPEDITQIQPQQLVLRLRSGEPQTFTLKFKRAEDYPIDLYYLMDLSYSMKDDLENVKSLGTDLMNEMRRITSDF
RIGFGSFVEKTVMPYISTTPAKLRNPCTSEQNCTSPFSYKNVLSLTNKGEVFNELVGKQRISGNLDSPEGGFDAIMQVAV
CGSLIGWRNVTRLLVFSTDAGFHFAGDGKLGGIVLPNDGQCHLENNMYTMSHYYDYPSIAHLVQKLSENNIQTIFAVTEE
FQPVYKELKNLIPKSAVGTLSANSSNVIQLIIDAYNSLSSEVILENGKLSEGVTISYKSYCKNGVNGTGENGRKCSNISI
GDEVQFEISITSNKCPKKDSDSFKIRPLGFTEEVEVILQYICECEDTSGLENLYFQ
;
B
#
# COMPACT_ATOMS: atom_id res chain seq x y z
N PHE A 1 19.26 -6.85 -5.35
CA PHE A 1 19.34 -7.86 -6.40
C PHE A 1 19.99 -9.15 -5.88
N ASN A 2 20.73 -9.04 -4.78
CA ASN A 2 21.55 -10.12 -4.27
C ASN A 2 20.89 -10.94 -3.16
N LEU A 3 19.58 -10.81 -2.95
CA LEU A 3 18.93 -11.60 -1.92
C LEU A 3 18.65 -13.00 -2.44
N ASP A 4 19.05 -14.01 -1.66
CA ASP A 4 18.79 -15.40 -2.01
C ASP A 4 17.31 -15.68 -1.86
N VAL A 5 16.63 -15.84 -2.98
CA VAL A 5 15.24 -16.26 -2.99
C VAL A 5 15.10 -17.74 -3.32
N ASP A 6 16.16 -18.52 -3.09
CA ASP A 6 16.20 -19.93 -3.44
C ASP A 6 16.20 -20.86 -2.25
N SER A 7 16.96 -20.53 -1.21
CA SER A 7 16.98 -21.32 0.02
C SER A 7 16.73 -20.38 1.19
N PRO A 8 15.51 -19.89 1.34
CA PRO A 8 15.18 -19.06 2.50
C PRO A 8 14.71 -19.92 3.66
N ALA A 9 14.96 -19.41 4.85
CA ALA A 9 14.47 -20.06 6.06
C ALA A 9 13.01 -19.68 6.25
N GLU A 10 12.13 -20.68 6.31
CA GLU A 10 10.69 -20.48 6.42
C GLU A 10 10.23 -20.86 7.81
N TYR A 11 9.70 -19.88 8.55
CA TYR A 11 9.14 -20.09 9.88
C TYR A 11 7.62 -19.95 9.84
N SER A 12 6.95 -20.79 10.63
CA SER A 12 5.50 -20.75 10.73
C SER A 12 5.11 -20.82 12.21
N GLY A 13 3.90 -20.36 12.49
CA GLY A 13 3.40 -20.35 13.85
C GLY A 13 2.04 -21.01 13.98
N PRO A 14 1.42 -20.88 15.16
CA PRO A 14 0.11 -21.49 15.38
C PRO A 14 -0.93 -20.90 14.44
N GLU A 15 -1.77 -21.75 13.88
CA GLU A 15 -2.72 -21.30 12.87
C GLU A 15 -3.67 -20.25 13.45
N GLY A 16 -3.86 -19.17 12.71
CA GLY A 16 -4.69 -18.06 13.14
C GLY A 16 -4.06 -17.11 14.13
N SER A 17 -2.82 -17.34 14.54
CA SER A 17 -2.24 -16.51 15.60
C SER A 17 -1.70 -15.20 15.09
N TYR A 18 -1.73 -14.99 13.77
CA TYR A 18 -1.14 -13.81 13.13
C TYR A 18 0.35 -13.76 13.40
N PHE A 19 0.98 -14.94 13.41
CA PHE A 19 2.43 -15.04 13.43
C PHE A 19 3.02 -14.37 12.21
N GLY A 20 3.89 -13.39 12.42
CA GLY A 20 4.50 -12.61 11.35
C GLY A 20 3.98 -11.19 11.26
N PHE A 21 3.04 -10.81 12.12
CA PHE A 21 2.49 -9.46 12.13
C PHE A 21 3.56 -8.41 12.40
N ALA A 22 4.59 -8.76 13.17
CA ALA A 22 5.70 -7.86 13.44
C ALA A 22 6.97 -8.70 13.57
N VAL A 23 8.06 -8.20 13.02
CA VAL A 23 9.32 -8.94 13.02
C VAL A 23 10.47 -8.02 13.44
N ASP A 24 11.55 -8.64 13.89
CA ASP A 24 12.77 -7.95 14.27
C ASP A 24 13.85 -9.00 14.45
N PHE A 25 15.07 -8.55 14.74
CA PHE A 25 16.20 -9.42 15.00
C PHE A 25 16.54 -9.43 16.48
N PHE A 26 16.99 -10.58 16.98
CA PHE A 26 17.49 -10.70 18.34
C PHE A 26 19.00 -10.91 18.27
N VAL A 27 19.75 -9.92 18.74
CA VAL A 27 21.21 -10.01 18.75
C VAL A 27 21.69 -9.76 20.17
N PRO A 28 21.77 -10.78 21.01
CA PRO A 28 22.14 -10.56 22.41
C PRO A 28 23.59 -10.12 22.55
N SER A 29 23.84 -9.34 23.61
CA SER A 29 25.18 -8.82 23.85
C SER A 29 26.15 -9.93 24.20
N ALA A 30 25.69 -10.95 24.91
CA ALA A 30 26.42 -12.22 24.95
C ALA A 30 26.39 -12.81 23.55
N SER A 31 27.16 -12.21 22.63
CA SER A 31 27.02 -12.42 21.19
C SER A 31 27.20 -13.87 20.78
N SER A 32 26.36 -14.74 21.31
CA SER A 32 26.40 -16.15 20.98
C SER A 32 25.69 -16.40 19.66
N ARG A 33 24.43 -16.82 19.74
CA ARG A 33 23.60 -17.07 18.57
C ARG A 33 22.69 -15.87 18.32
N MET A 34 22.08 -15.87 17.14
CA MET A 34 21.12 -14.84 16.76
C MET A 34 19.79 -15.49 16.45
N PHE A 35 18.71 -14.74 16.65
CA PHE A 35 17.37 -15.30 16.54
C PHE A 35 16.46 -14.29 15.86
N LEU A 36 15.34 -14.80 15.36
CA LEU A 36 14.28 -13.97 14.80
C LEU A 36 13.24 -13.74 15.89
N LEU A 37 12.83 -12.48 16.05
CA LEU A 37 11.74 -12.11 16.93
C LEU A 37 10.51 -11.88 16.08
N VAL A 38 9.46 -12.67 16.32
CA VAL A 38 8.23 -12.61 15.54
C VAL A 38 7.07 -12.45 16.50
N GLY A 39 6.16 -11.53 16.17
CA GLY A 39 4.95 -11.35 16.94
C GLY A 39 3.84 -12.23 16.38
N ALA A 40 3.09 -12.84 17.29
CA ALA A 40 1.86 -13.58 16.98
C ALA A 40 0.81 -13.01 17.91
N PRO A 41 0.21 -11.87 17.55
CA PRO A 41 -0.59 -11.11 18.53
C PRO A 41 -1.91 -11.74 18.88
N LYS A 42 -2.43 -12.64 18.06
CA LYS A 42 -3.67 -13.36 18.31
C LYS A 42 -3.43 -14.78 18.80
N ALA A 43 -2.25 -15.05 19.37
CA ALA A 43 -1.90 -16.39 19.80
C ALA A 43 -2.46 -16.68 21.20
N ASN A 44 -3.05 -17.86 21.35
CA ASN A 44 -3.47 -18.32 22.68
C ASN A 44 -2.28 -18.65 23.54
N THR A 45 -2.33 -18.22 24.79
CA THR A 45 -1.28 -18.48 25.76
C THR A 45 -1.83 -19.36 26.88
N THR A 46 -0.94 -19.72 27.81
CA THR A 46 -1.32 -20.49 28.99
C THR A 46 -1.75 -19.61 30.15
N GLN A 47 -1.87 -18.30 29.94
CA GLN A 47 -2.30 -17.41 31.01
C GLN A 47 -3.70 -17.82 31.47
N PRO A 48 -3.95 -17.89 32.78
CA PRO A 48 -5.24 -18.35 33.29
C PRO A 48 -6.38 -17.38 32.95
N GLY A 49 -7.36 -17.89 32.21
CA GLY A 49 -8.53 -17.11 31.83
C GLY A 49 -8.33 -16.14 30.69
N ILE A 50 -7.14 -16.10 30.07
CA ILE A 50 -6.82 -15.14 29.03
C ILE A 50 -6.98 -15.78 27.66
N VAL A 51 -7.93 -15.29 26.87
CA VAL A 51 -8.13 -15.75 25.50
C VAL A 51 -7.32 -14.85 24.57
N GLU A 52 -6.41 -15.45 23.80
CA GLU A 52 -5.61 -14.77 22.77
C GLU A 52 -4.92 -13.54 23.34
N GLY A 53 -4.12 -13.76 24.39
CA GLY A 53 -3.29 -12.68 24.90
C GLY A 53 -2.22 -12.28 23.90
N GLY A 54 -1.79 -13.23 23.07
CA GLY A 54 -0.73 -13.02 22.11
C GLY A 54 0.65 -13.29 22.70
N GLN A 55 1.59 -13.61 21.82
CA GLN A 55 2.93 -13.89 22.29
C GLN A 55 3.96 -13.50 21.24
N VAL A 56 5.20 -13.40 21.70
CA VAL A 56 6.36 -13.10 20.87
C VAL A 56 7.24 -14.35 20.88
N LEU A 57 7.55 -14.87 19.70
CA LEU A 57 8.28 -16.11 19.58
C LEU A 57 9.74 -15.84 19.24
N LYS A 58 10.64 -16.63 19.82
CA LYS A 58 12.05 -16.60 19.47
C LYS A 58 12.33 -17.80 18.57
N CYS A 59 12.72 -17.52 17.33
CA CYS A 59 12.97 -18.57 16.35
C CYS A 59 14.46 -18.79 16.17
N ASP A 60 14.85 -20.05 16.06
CA ASP A 60 16.26 -20.43 16.02
C ASP A 60 16.75 -20.43 14.57
N TRP A 61 17.70 -19.54 14.29
CA TRP A 61 18.34 -19.55 12.98
C TRP A 61 19.30 -20.72 12.87
N SER A 62 19.82 -21.18 14.00
CA SER A 62 20.68 -22.35 14.18
C SER A 62 20.60 -23.37 13.04
N SER A 63 19.74 -24.38 13.21
CA SER A 63 19.58 -25.43 12.22
C SER A 63 18.11 -25.83 12.16
N THR A 64 17.59 -26.35 13.27
CA THR A 64 16.16 -26.62 13.37
C THR A 64 15.42 -25.29 13.44
N ARG A 65 14.54 -25.05 12.47
CA ARG A 65 13.82 -23.78 12.40
C ARG A 65 12.61 -23.74 13.30
N ARG A 66 12.72 -24.31 14.50
CA ARG A 66 11.62 -24.37 15.45
C ARG A 66 11.60 -23.11 16.31
N CYS A 67 10.43 -22.51 16.43
CA CYS A 67 10.25 -21.31 17.23
C CYS A 67 9.78 -21.69 18.64
N GLN A 68 10.22 -20.91 19.63
CA GLN A 68 9.84 -21.13 21.02
C GLN A 68 9.37 -19.80 21.58
N PRO A 69 8.13 -19.72 22.08
CA PRO A 69 7.63 -18.44 22.60
C PRO A 69 8.43 -17.96 23.80
N ILE A 70 8.58 -16.64 23.89
CA ILE A 70 9.26 -16.01 25.02
C ILE A 70 8.22 -15.66 26.07
N GLU A 71 8.37 -16.21 27.28
CA GLU A 71 7.41 -15.98 28.36
C GLU A 71 7.71 -14.61 28.99
N PHE A 72 7.02 -13.58 28.49
CA PHE A 72 7.09 -12.25 29.10
C PHE A 72 6.22 -12.16 30.35
N ASP A 73 5.05 -12.79 30.31
CA ASP A 73 4.07 -12.71 31.40
C ASP A 73 3.16 -13.92 31.32
N ALA A 74 3.10 -14.72 32.38
CA ALA A 74 2.25 -15.88 32.42
C ALA A 74 0.96 -15.67 33.22
N THR A 75 0.79 -14.53 33.90
CA THR A 75 -0.32 -14.32 34.80
C THR A 75 -1.59 -13.91 34.06
N GLY A 76 -2.72 -14.08 34.74
CA GLY A 76 -4.00 -13.59 34.28
C GLY A 76 -4.26 -12.16 34.71
N ASN A 77 -5.54 -11.82 34.86
CA ASN A 77 -5.92 -10.45 35.19
C ASN A 77 -5.81 -10.18 36.68
N ARG A 78 -5.09 -9.11 37.03
CA ARG A 78 -5.08 -8.63 38.39
C ARG A 78 -6.43 -8.04 38.78
N ASP A 79 -6.75 -8.16 40.07
CA ASP A 79 -7.96 -7.60 40.67
C ASP A 79 -7.61 -6.31 41.41
N TYR A 80 -8.38 -5.25 41.14
CA TYR A 80 -8.32 -4.06 41.97
C TYR A 80 -9.02 -4.29 43.31
N ALA A 81 -10.17 -4.97 43.28
CA ALA A 81 -10.91 -5.35 44.48
C ALA A 81 -11.58 -6.69 44.21
N LYS A 82 -12.32 -7.18 45.20
CA LYS A 82 -12.99 -8.47 45.07
C LYS A 82 -13.96 -8.45 43.90
N ASP A 83 -13.81 -9.43 43.00
CA ASP A 83 -14.65 -9.55 41.79
C ASP A 83 -14.60 -8.29 40.93
N ASP A 84 -13.55 -7.48 41.08
CA ASP A 84 -13.44 -6.18 40.41
C ASP A 84 -12.12 -6.18 39.66
N PRO A 85 -12.09 -6.71 38.44
CA PRO A 85 -10.82 -6.84 37.72
C PRO A 85 -10.16 -5.49 37.50
N LEU A 86 -8.83 -5.46 37.64
CA LEU A 86 -8.07 -4.25 37.41
C LEU A 86 -7.75 -4.05 35.93
N GLU A 87 -7.53 -5.15 35.21
CA GLU A 87 -7.10 -5.13 33.82
C GLU A 87 -7.79 -6.25 33.07
N PHE A 88 -7.69 -6.21 31.74
CA PHE A 88 -8.37 -7.17 30.86
C PHE A 88 -7.42 -7.51 29.72
N LYS A 89 -6.82 -8.70 29.76
CA LYS A 89 -5.76 -9.07 28.82
C LYS A 89 -6.25 -9.83 27.59
N SER A 90 -7.48 -10.33 27.58
CA SER A 90 -7.94 -11.05 26.41
C SER A 90 -7.97 -10.13 25.20
N HIS A 91 -7.47 -10.62 24.07
CA HIS A 91 -7.45 -9.87 22.81
C HIS A 91 -6.71 -8.55 22.96
N GLN A 92 -5.63 -8.55 23.74
CA GLN A 92 -4.82 -7.36 23.94
C GLN A 92 -3.77 -7.15 22.85
N TRP A 93 -3.59 -8.13 21.95
CA TRP A 93 -2.65 -8.03 20.83
C TRP A 93 -1.22 -7.84 21.30
N PHE A 94 -0.82 -8.62 22.31
CA PHE A 94 0.57 -8.61 22.72
C PHE A 94 1.41 -9.23 21.61
N GLY A 95 2.49 -8.55 21.24
CA GLY A 95 3.24 -8.93 20.07
C GLY A 95 2.83 -8.23 18.80
N ALA A 96 1.92 -7.25 18.89
CA ALA A 96 1.56 -6.46 17.73
C ALA A 96 2.69 -5.54 17.30
N SER A 97 3.59 -5.18 18.22
CA SER A 97 4.79 -4.44 17.89
C SER A 97 5.94 -5.04 18.70
N VAL A 98 7.00 -5.46 18.01
CA VAL A 98 8.17 -6.09 18.62
C VAL A 98 9.41 -5.32 18.18
N ARG A 99 10.27 -4.99 19.14
CA ARG A 99 11.44 -4.17 18.85
C ARG A 99 12.59 -4.63 19.73
N SER A 100 13.78 -4.81 19.15
CA SER A 100 14.91 -5.37 19.87
C SER A 100 16.18 -4.55 19.66
N LYS A 101 16.94 -4.38 20.74
CA LYS A 101 18.25 -3.75 20.69
C LYS A 101 19.16 -4.50 21.65
N GLN A 102 20.10 -5.28 21.11
CA GLN A 102 21.06 -6.05 21.90
C GLN A 102 20.26 -7.02 22.76
N ASP A 103 20.38 -6.97 24.09
CA ASP A 103 19.62 -7.86 24.95
C ASP A 103 18.23 -7.31 25.26
N LYS A 104 18.02 -6.01 25.10
CA LYS A 104 16.69 -5.43 25.31
C LYS A 104 15.71 -6.00 24.30
N ILE A 105 14.55 -6.43 24.79
CA ILE A 105 13.43 -6.83 23.95
C ILE A 105 12.20 -6.08 24.46
N LEU A 106 11.61 -5.25 23.60
CA LEU A 106 10.43 -4.47 23.93
C LEU A 106 9.28 -4.90 23.03
N ALA A 107 8.23 -5.45 23.63
CA ALA A 107 7.00 -5.76 22.92
C ALA A 107 5.83 -5.14 23.67
N CYS A 108 4.73 -4.94 22.95
CA CYS A 108 3.60 -4.20 23.50
C CYS A 108 2.29 -4.89 23.11
N ALA A 109 1.24 -4.52 23.87
CA ALA A 109 -0.13 -4.96 23.61
C ALA A 109 -0.99 -3.71 23.50
N PRO A 110 -1.19 -3.17 22.29
CA PRO A 110 -1.89 -1.88 22.17
C PRO A 110 -3.35 -1.93 22.58
N LEU A 111 -4.00 -3.09 22.54
CA LEU A 111 -5.41 -3.23 22.90
C LEU A 111 -5.60 -3.67 24.34
N TYR A 112 -4.56 -3.59 25.16
CA TYR A 112 -4.70 -3.82 26.59
C TYR A 112 -5.53 -2.71 27.21
N HIS A 113 -6.66 -3.06 27.80
CA HIS A 113 -7.52 -2.12 28.50
C HIS A 113 -7.46 -2.37 30.00
N TRP A 114 -7.69 -1.31 30.79
CA TRP A 114 -7.68 -1.39 32.24
C TRP A 114 -8.88 -0.63 32.80
N ARG A 115 -9.09 -0.82 34.12
CA ARG A 115 -10.33 -0.40 34.78
C ARG A 115 -10.36 1.08 35.11
N THR A 116 -9.19 1.70 35.30
CA THR A 116 -8.98 2.95 36.03
C THR A 116 -9.18 2.70 37.53
N GLU A 117 -8.76 3.66 38.35
CA GLU A 117 -8.83 3.54 39.80
C GLU A 117 -10.02 4.26 40.42
N MET A 118 -10.72 5.11 39.66
CA MET A 118 -11.83 5.89 40.15
C MET A 118 -13.19 5.44 39.62
N LYS A 119 -13.23 4.56 38.63
CA LYS A 119 -14.49 4.01 38.12
C LYS A 119 -14.21 2.62 37.57
N GLN A 120 -15.27 1.94 37.15
CA GLN A 120 -15.17 0.60 36.57
C GLN A 120 -15.24 0.77 35.06
N GLU A 121 -14.08 1.05 34.44
CA GLU A 121 -14.01 1.29 33.02
C GLU A 121 -13.30 0.15 32.31
N ARG A 122 -13.18 0.29 30.99
CA ARG A 122 -12.42 -0.62 30.13
C ARG A 122 -11.78 0.28 29.08
N GLU A 123 -10.65 0.87 29.45
CA GLU A 123 -10.01 1.90 28.65
C GLU A 123 -8.71 1.35 28.12
N PRO A 124 -8.48 1.37 26.80
CA PRO A 124 -7.26 0.82 26.18
C PRO A 124 -6.06 1.74 26.29
N VAL A 125 -5.44 1.73 27.47
CA VAL A 125 -4.23 2.53 27.65
C VAL A 125 -3.03 1.88 26.98
N GLY A 126 -3.13 0.61 26.62
CA GLY A 126 -2.02 -0.14 26.06
C GLY A 126 -0.92 -0.39 27.08
N THR A 127 -0.21 -1.52 26.95
CA THR A 127 0.91 -1.78 27.83
C THR A 127 2.04 -2.47 27.07
N CYS A 128 3.25 -2.35 27.63
CA CYS A 128 4.43 -3.01 27.08
C CYS A 128 5.16 -3.76 28.20
N PHE A 129 5.89 -4.80 27.80
CA PHE A 129 6.83 -5.50 28.66
C PHE A 129 8.24 -5.37 28.11
N LEU A 130 9.16 -4.89 28.95
CA LEU A 130 10.56 -4.69 28.61
C LEU A 130 11.41 -5.74 29.30
N GLN A 131 12.01 -6.64 28.51
CA GLN A 131 12.89 -7.69 29.03
C GLN A 131 14.33 -7.29 28.74
N ASP A 132 15.02 -6.80 29.75
CA ASP A 132 16.44 -6.50 29.60
C ASP A 132 17.21 -7.82 29.63
N GLY A 133 18.30 -7.88 30.38
CA GLY A 133 19.03 -9.12 30.49
C GLY A 133 18.27 -10.14 31.32
N THR A 134 18.33 -9.98 32.64
CA THR A 134 17.69 -10.90 33.58
C THR A 134 16.27 -10.44 33.94
N LYS A 135 16.12 -9.16 34.27
CA LYS A 135 14.83 -8.65 34.70
C LYS A 135 13.86 -8.57 33.52
N THR A 136 12.58 -8.42 33.85
CA THR A 136 11.51 -8.22 32.86
C THR A 136 10.48 -7.34 33.53
N VAL A 137 10.29 -6.12 33.03
CA VAL A 137 9.43 -5.15 33.69
C VAL A 137 8.29 -4.75 32.75
N GLU A 138 7.23 -4.22 33.34
CA GLU A 138 6.11 -3.68 32.58
C GLU A 138 6.35 -2.19 32.30
N TYR A 139 5.82 -1.73 31.17
CA TYR A 139 5.96 -0.33 30.76
C TYR A 139 4.63 0.11 30.17
N ALA A 140 3.88 0.92 30.93
CA ALA A 140 2.59 1.43 30.47
C ALA A 140 2.48 2.92 30.81
N PRO A 141 3.24 3.77 30.11
CA PRO A 141 3.23 5.21 30.45
C PRO A 141 1.90 5.88 30.21
N CYS A 142 0.97 5.22 29.51
CA CYS A 142 -0.33 5.81 29.28
C CYS A 142 -1.37 5.40 30.30
N ARG A 143 -1.06 4.41 31.15
CA ARG A 143 -1.90 3.98 32.25
C ARG A 143 -1.69 4.94 33.41
N SER A 144 -2.49 6.01 33.44
CA SER A 144 -2.23 7.12 34.35
C SER A 144 -3.46 7.51 35.17
N GLN A 145 -3.39 8.69 35.81
CA GLN A 145 -4.54 9.34 36.42
C GLN A 145 -5.23 10.33 35.49
N ASP A 146 -4.63 10.64 34.33
CA ASP A 146 -5.31 11.43 33.30
C ASP A 146 -6.10 10.46 32.43
N ILE A 147 -7.30 10.12 32.90
CA ILE A 147 -8.07 9.03 32.31
C ILE A 147 -9.14 9.52 31.35
N ASP A 148 -9.87 8.59 30.75
CA ASP A 148 -10.91 8.84 29.75
C ASP A 148 -10.33 9.32 28.43
N ALA A 149 -11.18 9.42 27.40
CA ALA A 149 -10.71 9.88 26.09
C ALA A 149 -10.17 11.29 26.17
N ASP A 150 -10.65 12.08 27.14
CA ASP A 150 -10.11 13.41 27.36
C ASP A 150 -8.61 13.35 27.61
N GLY A 151 -8.16 12.32 28.32
CA GLY A 151 -6.74 12.15 28.58
C GLY A 151 -6.16 10.99 27.81
N GLN A 152 -5.47 10.10 28.54
CA GLN A 152 -4.76 8.98 27.97
C GLN A 152 -5.55 7.69 27.99
N GLY A 153 -6.88 7.77 28.17
CA GLY A 153 -7.66 6.56 28.37
C GLY A 153 -7.65 5.62 27.18
N PHE A 154 -7.68 6.18 25.97
CA PHE A 154 -7.73 5.38 24.75
C PHE A 154 -6.43 5.50 23.96
N CYS A 155 -5.35 5.75 24.69
CA CYS A 155 -4.06 6.08 24.09
C CYS A 155 -3.48 4.93 23.28
N GLN A 156 -3.73 3.69 23.70
CA GLN A 156 -3.15 2.50 23.07
C GLN A 156 -1.63 2.65 22.96
N GLY A 157 -1.00 3.02 24.07
CA GLY A 157 0.43 3.22 24.06
C GLY A 157 1.17 1.94 23.70
N GLY A 158 2.20 2.08 22.87
CA GLY A 158 2.89 0.95 22.28
C GLY A 158 2.37 0.52 20.92
N PHE A 159 1.45 1.28 20.33
CA PHE A 159 0.99 0.98 18.97
C PHE A 159 2.15 1.00 17.97
N SER A 160 3.15 1.85 18.22
CA SER A 160 4.42 1.81 17.53
C SER A 160 5.51 2.05 18.56
N ILE A 161 6.68 1.44 18.32
CA ILE A 161 7.82 1.58 19.22
C ILE A 161 9.11 1.60 18.41
N ASP A 162 10.16 2.06 19.06
CA ASP A 162 11.51 2.02 18.52
C ASP A 162 12.47 2.43 19.64
N PHE A 163 13.75 2.12 19.44
CA PHE A 163 14.80 2.52 20.34
C PHE A 163 15.63 3.65 19.71
N THR A 164 16.10 4.57 20.54
CA THR A 164 17.16 5.44 20.07
C THR A 164 18.49 4.80 20.44
N LYS A 165 19.56 5.35 19.88
CA LYS A 165 20.89 4.80 20.12
C LYS A 165 21.45 5.22 21.48
N ALA A 166 20.75 6.09 22.21
CA ALA A 166 21.14 6.46 23.57
C ALA A 166 20.21 5.86 24.63
N ASP A 167 19.64 4.68 24.34
CA ASP A 167 18.82 3.92 25.28
C ASP A 167 17.60 4.72 25.74
N ARG A 168 16.89 5.29 24.77
CA ARG A 168 15.56 5.80 24.98
C ARG A 168 14.59 4.92 24.21
N VAL A 169 13.45 4.67 24.78
CA VAL A 169 12.37 4.14 23.97
C VAL A 169 11.64 5.34 23.41
N LEU A 170 11.12 5.18 22.21
CA LEU A 170 10.11 6.09 21.67
C LEU A 170 8.86 5.26 21.54
N LEU A 171 7.79 5.70 22.17
CA LEU A 171 6.53 5.00 22.15
C LEU A 171 5.48 5.88 21.51
N GLY A 172 4.62 5.28 20.70
CA GLY A 172 3.55 6.00 20.04
C GLY A 172 2.20 5.61 20.62
N GLY A 173 1.40 6.62 20.92
CA GLY A 173 0.05 6.40 21.38
C GLY A 173 -0.93 7.20 20.56
N PRO A 174 -1.62 6.53 19.63
CA PRO A 174 -2.51 7.25 18.70
C PRO A 174 -3.80 7.75 19.32
N GLY A 175 -4.17 7.33 20.53
CA GLY A 175 -5.48 7.70 21.03
C GLY A 175 -5.56 8.83 22.04
N SER A 176 -4.44 9.18 22.65
CA SER A 176 -4.44 10.17 23.73
C SER A 176 -5.13 11.46 23.29
N PHE A 177 -5.81 12.09 24.25
CA PHE A 177 -6.34 13.45 24.09
C PHE A 177 -7.31 13.54 22.91
N TYR A 178 -8.32 12.67 22.94
CA TYR A 178 -9.33 12.59 21.88
C TYR A 178 -8.72 12.22 20.54
N TRP A 179 -7.83 11.23 20.57
CA TRP A 179 -7.13 10.73 19.39
C TRP A 179 -6.31 11.83 18.72
N GLN A 180 -5.88 12.82 19.51
CA GLN A 180 -4.78 13.68 19.09
C GLN A 180 -3.51 12.88 18.85
N GLY A 181 -3.31 11.83 19.64
CA GLY A 181 -2.08 11.08 19.63
C GLY A 181 -1.02 11.69 20.53
N GLN A 182 0.02 10.91 20.79
CA GLN A 182 1.03 11.33 21.73
C GLN A 182 2.30 10.52 21.48
N LEU A 183 3.44 11.18 21.66
CA LEU A 183 4.74 10.52 21.66
C LEU A 183 5.33 10.58 23.06
N ILE A 184 5.82 9.45 23.55
CA ILE A 184 6.41 9.35 24.88
C ILE A 184 7.78 8.71 24.74
N SER A 185 8.76 9.25 25.46
CA SER A 185 10.11 8.71 25.49
C SER A 185 10.62 8.62 26.92
N ASP A 186 11.06 7.43 27.32
CA ASP A 186 11.66 7.19 28.62
C ASP A 186 12.99 6.49 28.45
N GLN A 187 13.91 6.78 29.35
CA GLN A 187 15.21 6.11 29.37
C GLN A 187 15.04 4.66 29.79
N VAL A 188 15.69 3.75 29.06
CA VAL A 188 15.54 2.32 29.34
C VAL A 188 15.97 2.01 30.77
N ALA A 189 16.97 2.71 31.28
CA ALA A 189 17.42 2.47 32.65
C ALA A 189 16.35 2.89 33.66
N GLU A 190 15.65 4.00 33.38
CA GLU A 190 14.62 4.47 34.30
C GLU A 190 13.38 3.58 34.25
N ILE A 191 13.06 3.00 33.09
CA ILE A 191 11.92 2.10 33.00
C ILE A 191 12.15 0.86 33.85
N VAL A 192 13.36 0.32 33.82
CA VAL A 192 13.66 -0.90 34.58
C VAL A 192 13.89 -0.56 36.06
N SER A 193 14.45 0.61 36.34
CA SER A 193 14.81 0.94 37.73
C SER A 193 13.57 1.26 38.57
N LYS A 194 12.73 2.18 38.10
CA LYS A 194 11.59 2.65 38.89
C LYS A 194 10.39 1.72 38.80
N TYR A 195 10.56 0.52 38.24
CA TYR A 195 9.45 -0.42 38.13
C TYR A 195 9.08 -0.98 39.49
N ASP A 196 7.77 -1.06 39.74
CA ASP A 196 7.19 -1.53 40.97
C ASP A 196 5.91 -2.32 40.65
N PRO A 197 5.87 -3.63 40.92
CA PRO A 197 4.71 -4.43 40.49
C PRO A 197 3.42 -4.07 41.20
N ASN A 198 3.48 -3.29 42.28
CA ASN A 198 2.30 -2.87 43.02
C ASN A 198 1.93 -1.42 42.75
N VAL A 199 2.62 -0.75 41.82
CA VAL A 199 2.29 0.61 41.42
C VAL A 199 1.76 0.55 39.99
N TYR A 200 0.54 1.05 39.80
CA TYR A 200 -0.11 0.97 38.49
C TYR A 200 0.19 2.17 37.60
N SER A 201 0.67 3.27 38.17
CA SER A 201 0.98 4.48 37.41
C SER A 201 2.36 4.95 37.87
N ILE A 202 3.40 4.56 37.16
CA ILE A 202 4.77 4.82 37.57
C ILE A 202 5.22 6.15 37.00
N LYS A 203 5.84 6.97 37.84
CA LYS A 203 6.36 8.26 37.43
C LYS A 203 7.83 8.11 37.04
N TYR A 204 8.18 8.60 35.86
CA TYR A 204 9.55 8.57 35.37
C TYR A 204 10.10 9.98 35.36
N ASN A 205 11.32 10.13 35.88
CA ASN A 205 11.87 11.48 36.06
C ASN A 205 12.33 12.07 34.73
N ASN A 206 13.08 11.28 33.95
CA ASN A 206 13.54 11.71 32.62
C ASN A 206 12.56 11.18 31.58
N GLN A 207 11.40 11.84 31.50
CA GLN A 207 10.37 11.48 30.54
C GLN A 207 10.15 12.61 29.57
N LEU A 208 10.05 12.26 28.29
CA LEU A 208 9.69 13.19 27.23
C LEU A 208 8.30 12.82 26.73
N ALA A 209 7.38 13.79 26.71
CA ALA A 209 6.06 13.49 26.21
C ALA A 209 5.43 14.73 25.61
N THR A 210 4.71 14.54 24.50
CA THR A 210 3.91 15.60 23.92
C THR A 210 2.70 15.89 24.79
N ARG A 211 2.28 17.15 24.80
CA ARG A 211 1.20 17.62 25.64
C ARG A 211 -0.09 17.83 24.86
N THR A 212 -1.19 17.93 25.58
CA THR A 212 -2.51 18.14 25.02
C THR A 212 -2.59 19.49 24.32
N ALA A 213 -3.30 19.53 23.20
CA ALA A 213 -3.39 20.73 22.39
C ALA A 213 -4.86 21.14 22.22
N GLN A 214 -5.08 22.13 21.36
CA GLN A 214 -6.41 22.63 21.08
C GLN A 214 -7.24 21.55 20.38
N ALA A 215 -8.57 21.72 20.43
CA ALA A 215 -9.48 20.69 19.93
C ALA A 215 -9.41 20.52 18.42
N ILE A 216 -8.94 21.54 17.70
CA ILE A 216 -8.84 21.42 16.26
C ILE A 216 -7.84 20.34 15.87
N PHE A 217 -6.95 19.97 16.79
CA PHE A 217 -5.98 18.92 16.54
C PHE A 217 -6.48 17.53 16.90
N ASP A 218 -7.72 17.42 17.40
CA ASP A 218 -8.30 16.10 17.67
C ASP A 218 -8.38 15.29 16.38
N ASP A 219 -8.32 13.96 16.52
CA ASP A 219 -8.46 13.08 15.37
C ASP A 219 -7.26 13.23 14.42
N SER A 220 -6.05 13.03 14.94
CA SER A 220 -4.81 13.11 14.20
C SER A 220 -4.01 11.81 14.17
N TYR A 221 -4.15 10.98 15.21
CA TYR A 221 -3.47 9.67 15.30
C TYR A 221 -1.95 9.80 15.31
N LEU A 222 -1.45 10.84 15.96
CA LEU A 222 -0.01 10.95 16.16
C LEU A 222 0.48 9.73 16.94
N GLY A 223 1.54 9.10 16.45
CA GLY A 223 2.01 7.87 17.05
C GLY A 223 1.58 6.61 16.34
N TYR A 224 0.83 6.72 15.23
CA TYR A 224 0.50 5.55 14.42
C TYR A 224 1.75 4.81 13.95
N SER A 225 2.81 5.53 13.64
CA SER A 225 4.09 4.94 13.26
C SER A 225 5.22 5.83 13.76
N VAL A 226 6.37 5.22 14.04
CA VAL A 226 7.50 5.95 14.61
C VAL A 226 8.80 5.45 14.01
N ALA A 227 9.84 6.28 14.14
CA ALA A 227 11.18 5.97 13.67
C ALA A 227 12.13 7.01 14.27
N VAL A 228 13.42 6.68 14.27
CA VAL A 228 14.42 7.49 14.94
C VAL A 228 15.50 7.91 13.93
N GLY A 229 16.08 9.07 14.19
CA GLY A 229 17.12 9.63 13.35
C GLY A 229 17.41 11.08 13.72
N ASP A 230 18.64 11.54 13.49
CA ASP A 230 19.03 12.90 13.84
C ASP A 230 18.68 13.83 12.68
N PHE A 231 18.02 14.95 13.02
CA PHE A 231 17.53 15.88 12.01
C PHE A 231 17.82 17.33 12.35
N ASN A 232 18.57 17.60 13.42
CA ASN A 232 19.12 18.93 13.65
C ASN A 232 20.61 18.85 14.00
N GLY A 233 21.24 17.71 13.72
CA GLY A 233 22.68 17.60 13.81
C GLY A 233 23.28 17.78 15.18
N ASP A 234 22.79 17.04 16.18
CA ASP A 234 23.37 17.08 17.52
C ASP A 234 23.83 15.70 18.00
N GLY A 235 23.78 14.68 17.13
CA GLY A 235 24.15 13.34 17.52
C GLY A 235 23.09 12.59 18.28
N ILE A 236 22.02 13.25 18.72
CA ILE A 236 20.94 12.64 19.46
C ILE A 236 19.81 12.34 18.50
N ASP A 237 19.42 11.06 18.44
CA ASP A 237 18.33 10.62 17.57
C ASP A 237 17.05 11.37 17.89
N ASP A 238 16.40 11.88 16.86
CA ASP A 238 15.15 12.61 17.03
C ASP A 238 13.95 11.73 16.65
N PHE A 239 12.76 12.20 17.00
CA PHE A 239 11.55 11.40 16.94
C PHE A 239 10.74 11.79 15.71
N VAL A 240 10.60 10.86 14.76
CA VAL A 240 9.75 11.07 13.59
C VAL A 240 8.56 10.14 13.70
N SER A 241 7.38 10.67 13.40
CA SER A 241 6.14 9.93 13.62
C SER A 241 5.09 10.36 12.61
N GLY A 242 4.36 9.38 12.08
CA GLY A 242 3.26 9.67 11.19
C GLY A 242 2.02 10.14 11.96
N VAL A 243 1.36 11.15 11.41
CA VAL A 243 0.13 11.69 11.97
C VAL A 243 -0.95 11.56 10.90
N PRO A 244 -1.41 10.34 10.61
CA PRO A 244 -2.06 10.08 9.31
C PRO A 244 -3.43 10.72 9.13
N ARG A 245 -4.14 11.10 10.18
CA ARG A 245 -5.47 11.69 10.01
C ARG A 245 -5.48 13.21 10.13
N ALA A 246 -4.32 13.84 10.31
CA ALA A 246 -4.23 15.29 10.47
C ALA A 246 -4.54 16.01 9.15
N ALA A 247 -4.73 17.33 9.27
CA ALA A 247 -5.01 18.20 8.14
C ALA A 247 -6.21 17.72 7.32
N ARG A 248 -7.28 17.34 8.01
CA ARG A 248 -8.51 16.84 7.39
C ARG A 248 -8.23 15.63 6.50
N THR A 249 -7.46 14.69 7.05
CA THR A 249 -7.06 13.41 6.45
C THR A 249 -6.05 13.54 5.33
N LEU A 250 -5.52 14.74 5.08
CA LEU A 250 -4.33 14.84 4.24
C LEU A 250 -3.16 14.13 4.87
N GLY A 251 -3.16 14.00 6.20
CA GLY A 251 -2.06 13.33 6.87
C GLY A 251 -0.84 14.20 6.93
N MET A 252 -0.06 14.03 7.99
CA MET A 252 1.16 14.78 8.21
C MET A 252 2.18 13.86 8.86
N VAL A 253 3.40 14.33 8.94
CA VAL A 253 4.45 13.67 9.70
C VAL A 253 5.11 14.73 10.57
N TYR A 254 5.19 14.45 11.86
CA TYR A 254 5.85 15.32 12.82
C TYR A 254 7.26 14.79 13.07
N ILE A 255 8.19 15.72 13.27
CA ILE A 255 9.54 15.43 13.75
C ILE A 255 9.74 16.21 15.05
N TYR A 256 10.14 15.51 16.10
CA TYR A 256 10.38 16.13 17.40
C TYR A 256 11.83 15.94 17.81
N ASP A 257 12.40 16.98 18.42
CA ASP A 257 13.75 16.91 18.94
C ASP A 257 13.87 15.88 20.06
N GLY A 258 14.96 15.12 20.04
CA GLY A 258 15.15 14.08 21.02
C GLY A 258 15.69 14.55 22.36
N LYS A 259 15.76 15.87 22.59
CA LYS A 259 16.17 16.41 23.88
C LYS A 259 14.95 16.85 24.69
N ASN A 260 14.20 17.84 24.17
CA ASN A 260 13.08 18.41 24.90
C ASN A 260 11.73 18.23 24.20
N MET A 261 11.64 17.30 23.24
CA MET A 261 10.37 16.96 22.59
C MET A 261 9.76 18.14 21.85
N SER A 262 10.56 19.13 21.44
CA SER A 262 10.06 20.26 20.68
C SER A 262 9.96 19.93 19.18
N SER A 263 9.00 20.57 18.51
CA SER A 263 8.78 20.30 17.09
C SER A 263 9.91 20.85 16.25
N LEU A 264 10.42 20.02 15.32
CA LEU A 264 11.50 20.41 14.40
C LEU A 264 10.97 20.73 13.01
N TYR A 265 10.35 19.74 12.35
CA TYR A 265 9.86 19.92 10.99
C TYR A 265 8.57 19.14 10.82
N ASN A 266 7.77 19.55 9.85
CA ASN A 266 6.52 18.89 9.50
C ASN A 266 6.48 18.58 8.01
N PHE A 267 5.87 17.44 7.68
CA PHE A 267 5.51 17.07 6.34
C PHE A 267 3.98 17.03 6.23
N THR A 268 3.46 17.32 5.04
CA THR A 268 2.02 17.31 4.82
C THR A 268 1.71 16.57 3.52
N GLY A 269 0.85 15.57 3.61
CA GLY A 269 0.41 14.85 2.44
C GLY A 269 -0.37 15.73 1.47
N GLU A 270 -0.43 15.26 0.22
CA GLU A 270 -0.99 16.06 -0.87
C GLU A 270 -2.37 15.57 -1.30
N GLN A 271 -2.84 14.45 -0.78
CA GLN A 271 -4.10 13.87 -1.22
C GLN A 271 -4.90 13.40 -0.02
N MET A 272 -6.22 13.55 -0.12
CA MET A 272 -7.13 13.24 0.98
C MET A 272 -7.21 11.72 1.19
N ALA A 273 -7.11 11.31 2.46
CA ALA A 273 -7.35 9.93 2.87
C ALA A 273 -6.40 8.94 2.21
N ALA A 274 -5.19 9.39 1.88
CA ALA A 274 -4.16 8.50 1.37
C ALA A 274 -3.43 7.77 2.48
N TYR A 275 -3.72 8.12 3.74
CA TYR A 275 -3.03 7.59 4.91
C TYR A 275 -1.53 7.90 4.84
N PHE A 276 -1.23 9.17 4.61
CA PHE A 276 0.11 9.74 4.72
C PHE A 276 0.64 9.54 6.14
N GLY A 277 1.62 8.66 6.32
CA GLY A 277 2.15 8.38 7.64
C GLY A 277 1.84 6.99 8.17
N PHE A 278 1.19 6.14 7.37
CA PHE A 278 0.93 4.76 7.78
C PHE A 278 2.21 4.07 8.22
N SER A 279 3.32 4.34 7.54
CA SER A 279 4.63 3.89 7.96
C SER A 279 5.61 5.04 7.81
N VAL A 280 6.66 5.03 8.62
CA VAL A 280 7.76 5.98 8.47
C VAL A 280 9.08 5.25 8.71
N ALA A 281 10.14 5.77 8.10
CA ALA A 281 11.46 5.22 8.29
C ALA A 281 12.48 6.33 8.15
N ALA A 282 13.61 6.18 8.82
CA ALA A 282 14.68 7.16 8.77
C ALA A 282 15.99 6.44 8.57
N THR A 283 16.66 6.72 7.45
CA THR A 283 17.97 6.16 7.18
C THR A 283 18.66 7.01 6.12
N ASP A 284 19.97 7.18 6.25
CA ASP A 284 20.74 7.91 5.25
C ASP A 284 20.87 7.07 3.99
N ILE A 285 20.26 7.53 2.90
CA ILE A 285 20.17 6.75 1.67
C ILE A 285 21.21 7.16 0.61
N ASN A 286 21.81 8.35 0.74
CA ASN A 286 22.77 8.84 -0.25
C ASN A 286 24.16 9.04 0.35
N GLY A 287 24.49 8.32 1.42
CA GLY A 287 25.84 8.23 1.94
C GLY A 287 26.45 9.53 2.40
N ASP A 288 25.65 10.48 2.87
CA ASP A 288 26.17 11.75 3.36
C ASP A 288 25.94 11.93 4.87
N ASP A 289 25.56 10.87 5.57
CA ASP A 289 25.38 10.82 7.02
C ASP A 289 24.28 11.74 7.53
N TYR A 290 23.42 12.26 6.64
CA TYR A 290 22.18 12.91 7.05
C TYR A 290 21.04 11.93 6.82
N ALA A 291 20.37 11.53 7.90
CA ALA A 291 19.26 10.59 7.77
C ALA A 291 18.15 11.17 6.90
N ASP A 292 17.55 10.31 6.09
CA ASP A 292 16.53 10.71 5.13
C ASP A 292 15.18 10.07 5.50
N VAL A 293 14.09 10.78 5.21
CA VAL A 293 12.75 10.45 5.71
C VAL A 293 11.94 9.75 4.62
N PHE A 294 11.37 8.60 4.97
CA PHE A 294 10.51 7.83 4.06
C PHE A 294 9.10 7.81 4.64
N ILE A 295 8.15 8.35 3.90
CA ILE A 295 6.77 8.50 4.36
C ILE A 295 5.85 7.76 3.39
N GLY A 296 5.25 6.68 3.86
CA GLY A 296 4.36 5.88 3.04
C GLY A 296 2.91 6.33 3.14
N ALA A 297 2.24 6.34 1.99
CA ALA A 297 0.80 6.63 1.90
C ALA A 297 0.19 5.57 1.01
N PRO A 298 -0.18 4.41 1.58
CA PRO A 298 -0.56 3.25 0.76
C PRO A 298 -1.92 3.37 0.08
N LEU A 299 -2.69 4.42 0.31
CA LEU A 299 -3.99 4.57 -0.34
C LEU A 299 -3.95 5.62 -1.45
N PHE A 300 -2.78 6.23 -1.67
CA PHE A 300 -2.66 7.29 -2.67
C PHE A 300 -3.10 6.80 -4.04
N MET A 301 -3.90 7.61 -4.71
CA MET A 301 -4.40 7.32 -6.05
C MET A 301 -3.62 8.14 -7.05
N ASP A 302 -3.12 7.49 -8.10
CA ASP A 302 -2.53 8.17 -9.26
C ASP A 302 -3.44 7.97 -10.47
N ARG A 303 -2.99 8.48 -11.62
CA ARG A 303 -3.70 8.28 -12.88
C ARG A 303 -3.21 6.99 -13.54
N GLY A 304 -4.15 6.15 -13.95
CA GLY A 304 -3.82 4.90 -14.60
C GLY A 304 -3.47 5.08 -16.06
N SER A 305 -3.36 3.96 -16.77
CA SER A 305 -3.13 4.04 -18.21
C SER A 305 -4.28 4.77 -18.90
N ASP A 306 -5.49 4.62 -18.38
CA ASP A 306 -6.63 5.39 -18.83
C ASP A 306 -6.70 6.69 -18.01
N GLY A 307 -7.87 7.30 -17.92
CA GLY A 307 -8.06 8.51 -17.16
C GLY A 307 -8.60 8.33 -15.76
N LYS A 308 -8.90 7.10 -15.35
CA LYS A 308 -9.51 6.87 -14.04
C LYS A 308 -8.46 6.82 -12.93
N LEU A 309 -8.85 7.31 -11.76
CA LEU A 309 -8.01 7.19 -10.57
C LEU A 309 -7.88 5.73 -10.18
N GLN A 310 -6.71 5.37 -9.66
CA GLN A 310 -6.45 3.99 -9.24
C GLN A 310 -5.59 3.99 -7.99
N GLU A 311 -5.96 3.15 -7.03
CA GLU A 311 -5.20 3.06 -5.79
C GLU A 311 -3.91 2.30 -6.03
N VAL A 312 -2.77 3.01 -5.93
CA VAL A 312 -1.47 2.37 -6.08
C VAL A 312 -0.53 2.64 -4.92
N GLY A 313 -0.77 3.67 -4.11
CA GLY A 313 0.07 3.98 -2.97
C GLY A 313 1.30 4.78 -3.37
N GLN A 314 1.83 5.52 -2.40
CA GLN A 314 2.96 6.41 -2.68
C GLN A 314 3.87 6.54 -1.47
N VAL A 315 5.17 6.51 -1.73
CA VAL A 315 6.21 6.77 -0.73
C VAL A 315 6.89 8.06 -1.12
N SER A 316 7.06 8.98 -0.16
CA SER A 316 7.84 10.18 -0.38
C SER A 316 9.24 9.98 0.19
N VAL A 317 10.24 10.37 -0.60
CA VAL A 317 11.65 10.25 -0.23
C VAL A 317 12.15 11.67 0.01
N SER A 318 12.48 12.00 1.26
CA SER A 318 12.90 13.34 1.63
C SER A 318 14.36 13.30 2.06
N LEU A 319 15.20 13.92 1.26
CA LEU A 319 16.64 13.98 1.51
C LEU A 319 16.95 15.17 2.40
N GLN A 320 17.58 14.91 3.54
CA GLN A 320 17.90 15.94 4.52
C GLN A 320 19.03 16.81 4.02
N ARG A 321 18.73 18.05 3.65
CA ARG A 321 19.77 19.01 3.38
C ARG A 321 20.42 19.49 4.68
N ALA A 322 21.72 19.79 4.62
CA ALA A 322 22.39 20.38 5.77
C ALA A 322 21.83 21.75 6.09
N SER A 323 21.23 22.42 5.09
CA SER A 323 20.57 23.72 5.26
C SER A 323 19.29 23.61 6.06
N GLY A 324 18.98 22.42 6.58
CA GLY A 324 17.79 22.19 7.38
C GLY A 324 16.56 21.76 6.60
N ASP A 325 16.50 22.07 5.32
CA ASP A 325 15.35 21.73 4.49
C ASP A 325 15.44 20.26 4.04
N PHE A 326 14.53 19.88 3.15
CA PHE A 326 14.47 18.54 2.58
C PHE A 326 14.28 18.66 1.07
N GLN A 327 14.96 17.79 0.32
CA GLN A 327 14.74 17.66 -1.11
C GLN A 327 13.95 16.38 -1.34
N THR A 328 12.69 16.52 -1.70
CA THR A 328 11.74 15.41 -1.69
C THR A 328 11.28 15.05 -3.10
N THR A 329 11.33 13.76 -3.41
CA THR A 329 10.74 13.18 -4.61
C THR A 329 9.72 12.14 -4.19
N LYS A 330 8.95 11.64 -5.16
CA LYS A 330 7.83 10.75 -4.85
C LYS A 330 7.86 9.51 -5.74
N LEU A 331 7.64 8.36 -5.11
CA LEU A 331 7.74 7.03 -5.70
C LEU A 331 6.40 6.32 -5.55
N ASN A 332 5.82 5.89 -6.66
CA ASN A 332 4.49 5.29 -6.67
C ASN A 332 4.54 3.77 -6.79
N GLY A 333 3.48 3.13 -6.30
CA GLY A 333 3.31 1.72 -6.48
C GLY A 333 2.96 1.35 -7.91
N PHE A 334 2.95 0.05 -8.14
CA PHE A 334 2.87 -0.52 -9.49
C PHE A 334 1.57 -1.24 -9.77
N GLU A 335 0.92 -1.80 -8.76
CA GLU A 335 -0.27 -2.61 -8.91
C GLU A 335 -1.41 -1.98 -8.12
N VAL A 336 -2.62 -2.04 -8.69
CA VAL A 336 -3.78 -1.43 -8.04
C VAL A 336 -4.14 -2.18 -6.77
N PHE A 337 -4.42 -1.42 -5.72
CA PHE A 337 -4.86 -1.93 -4.40
C PHE A 337 -3.78 -2.75 -3.71
N ALA A 338 -2.55 -2.72 -4.20
CA ALA A 338 -1.48 -3.51 -3.58
C ALA A 338 -0.96 -2.90 -2.29
N ARG A 339 -1.30 -1.64 -2.00
CA ARG A 339 -0.86 -0.96 -0.77
C ARG A 339 0.66 -0.85 -0.71
N PHE A 340 1.25 -0.46 -1.84
CA PHE A 340 2.67 -0.09 -1.85
C PHE A 340 2.93 0.98 -0.81
N GLY A 341 3.91 0.74 0.05
CA GLY A 341 4.22 1.65 1.13
C GLY A 341 3.63 1.32 2.48
N SER A 342 2.96 0.18 2.63
CA SER A 342 2.41 -0.17 3.94
C SER A 342 3.50 -0.38 4.98
N ALA A 343 4.68 -0.86 4.57
CA ALA A 343 5.79 -1.08 5.48
C ALA A 343 7.09 -0.71 4.77
N ILE A 344 7.95 0.04 5.46
CA ILE A 344 9.20 0.54 4.90
C ILE A 344 10.32 0.11 5.83
N ALA A 345 11.21 -0.76 5.34
CA ALA A 345 12.31 -1.30 6.14
C ALA A 345 13.66 -0.85 5.58
N PRO A 346 14.40 -0.01 6.29
CA PRO A 346 15.80 0.23 5.90
C PRO A 346 16.60 -1.06 5.95
N LEU A 347 17.30 -1.36 4.86
CA LEU A 347 18.02 -2.62 4.76
C LEU A 347 19.47 -2.51 5.16
N GLY A 348 19.95 -1.30 5.48
CA GLY A 348 21.39 -1.14 5.50
C GLY A 348 21.93 -1.14 4.09
N ASP A 349 23.16 -1.61 3.93
CA ASP A 349 23.77 -1.71 2.61
C ASP A 349 23.68 -3.17 2.17
N LEU A 350 22.57 -3.50 1.49
CA LEU A 350 22.28 -4.89 1.14
C LEU A 350 23.35 -5.48 0.22
N ASP A 351 23.95 -4.68 -0.67
CA ASP A 351 25.01 -5.17 -1.53
C ASP A 351 26.37 -4.57 -1.17
N GLN A 352 26.40 -3.62 -0.23
CA GLN A 352 27.65 -3.04 0.25
C GLN A 352 28.46 -2.38 -0.87
N ASP A 353 27.82 -1.41 -1.51
CA ASP A 353 28.47 -0.49 -2.42
C ASP A 353 28.74 0.86 -1.78
N GLY A 354 28.49 0.98 -0.46
CA GLY A 354 28.76 2.22 0.24
C GLY A 354 27.56 3.13 0.39
N PHE A 355 26.40 2.71 -0.09
CA PHE A 355 25.16 3.47 -0.01
C PHE A 355 24.07 2.56 0.53
N ASN A 356 23.33 3.04 1.53
CA ASN A 356 22.30 2.24 2.17
C ASN A 356 21.14 1.94 1.21
N ASP A 357 20.37 0.92 1.59
CA ASP A 357 19.27 0.43 0.77
C ASP A 357 17.99 0.38 1.60
N ILE A 358 16.88 0.10 0.92
CA ILE A 358 15.58 0.12 1.57
C ILE A 358 14.64 -0.83 0.84
N ALA A 359 13.73 -1.43 1.61
CA ALA A 359 12.66 -2.26 1.07
C ALA A 359 11.33 -1.56 1.31
N ILE A 360 10.43 -1.66 0.33
CA ILE A 360 9.09 -1.13 0.43
C ILE A 360 8.14 -2.21 -0.05
N ALA A 361 7.16 -2.55 0.79
CA ALA A 361 6.29 -3.68 0.52
C ALA A 361 4.97 -3.20 -0.09
N ALA A 362 4.36 -4.09 -0.86
CA ALA A 362 2.97 -3.95 -1.29
C ALA A 362 2.29 -5.24 -0.85
N PRO A 363 1.75 -5.29 0.37
CA PRO A 363 1.35 -6.59 0.96
C PRO A 363 0.25 -7.32 0.21
N TYR A 364 -0.45 -6.66 -0.71
CA TYR A 364 -1.53 -7.30 -1.45
C TYR A 364 -1.27 -7.30 -2.96
N GLY A 365 -0.01 -7.12 -3.37
CA GLY A 365 0.36 -7.14 -4.77
C GLY A 365 0.73 -8.53 -5.26
N GLY A 366 1.18 -8.58 -6.51
CA GLY A 366 1.58 -9.84 -7.12
C GLY A 366 0.37 -10.67 -7.54
N GLU A 367 0.68 -11.83 -8.13
CA GLU A 367 -0.36 -12.74 -8.54
C GLU A 367 -1.11 -13.27 -7.31
N ASP A 368 -2.43 -13.34 -7.42
CA ASP A 368 -3.30 -13.85 -6.37
C ASP A 368 -3.13 -13.10 -5.06
N LYS A 369 -2.59 -11.88 -5.11
CA LYS A 369 -2.45 -11.00 -3.95
C LYS A 369 -1.70 -11.71 -2.81
N LYS A 370 -0.58 -12.34 -3.16
CA LYS A 370 0.22 -13.07 -2.20
C LYS A 370 1.31 -12.22 -1.57
N GLY A 371 1.40 -10.94 -1.93
CA GLY A 371 2.36 -10.04 -1.33
C GLY A 371 3.63 -9.86 -2.15
N ILE A 372 4.17 -8.64 -2.17
CA ILE A 372 5.38 -8.33 -2.93
C ILE A 372 6.24 -7.40 -2.08
N VAL A 373 7.56 -7.56 -2.20
CA VAL A 373 8.52 -6.67 -1.57
C VAL A 373 9.49 -6.17 -2.63
N TYR A 374 9.70 -4.86 -2.66
CA TYR A 374 10.59 -4.21 -3.61
C TYR A 374 11.86 -3.77 -2.93
N ILE A 375 13.00 -4.04 -3.56
CA ILE A 375 14.29 -3.62 -3.02
C ILE A 375 14.77 -2.43 -3.82
N PHE A 376 15.09 -1.34 -3.13
CA PHE A 376 15.60 -0.13 -3.75
C PHE A 376 16.98 0.16 -3.19
N ASN A 377 17.93 0.46 -4.08
CA ASN A 377 19.31 0.74 -3.71
C ASN A 377 19.53 2.24 -3.59
N GLY A 378 20.44 2.60 -2.70
CA GLY A 378 20.87 3.97 -2.60
C GLY A 378 22.11 4.26 -3.42
N ARG A 379 22.31 5.55 -3.66
CA ARG A 379 23.49 6.06 -4.34
C ARG A 379 23.62 7.54 -3.96
N SER A 380 24.71 8.16 -4.43
CA SER A 380 25.00 9.54 -4.05
C SER A 380 23.87 10.49 -4.43
N THR A 381 23.14 10.19 -5.50
CA THR A 381 22.09 11.07 -5.97
C THR A 381 20.75 10.83 -5.28
N GLY A 382 20.67 9.86 -4.37
CA GLY A 382 19.43 9.55 -3.69
C GLY A 382 19.06 8.08 -3.84
N LEU A 383 17.76 7.83 -3.92
CA LEU A 383 17.27 6.47 -4.12
C LEU A 383 17.14 6.19 -5.62
N ASN A 384 17.65 5.04 -6.05
CA ASN A 384 17.42 4.57 -7.41
C ASN A 384 15.99 4.08 -7.54
N ALA A 385 15.16 4.84 -8.27
CA ALA A 385 13.72 4.60 -8.31
C ALA A 385 13.32 3.29 -8.97
N VAL A 386 14.22 2.66 -9.72
CA VAL A 386 13.93 1.37 -10.35
C VAL A 386 14.31 0.28 -9.35
N PRO A 387 13.38 -0.57 -8.94
CA PRO A 387 13.73 -1.59 -7.96
C PRO A 387 14.64 -2.63 -8.57
N SER A 388 15.66 -3.03 -7.81
CA SER A 388 16.63 -3.99 -8.29
C SER A 388 16.23 -5.42 -8.00
N GLN A 389 15.21 -5.63 -7.17
CA GLN A 389 14.77 -6.98 -6.86
C GLN A 389 13.30 -6.96 -6.46
N ILE A 390 12.60 -8.03 -6.80
CA ILE A 390 11.20 -8.20 -6.47
C ILE A 390 11.06 -9.52 -5.74
N LEU A 391 10.68 -9.47 -4.47
CA LEU A 391 10.45 -10.66 -3.65
C LEU A 391 8.96 -10.96 -3.65
N GLU A 392 8.58 -12.14 -4.15
CA GLU A 392 7.18 -12.49 -4.30
C GLU A 392 6.75 -13.39 -3.16
N GLY A 393 5.51 -13.18 -2.69
CA GLY A 393 4.95 -14.06 -1.70
C GLY A 393 4.64 -15.43 -2.31
N GLN A 394 4.92 -16.47 -1.54
CA GLN A 394 4.90 -17.83 -2.05
C GLN A 394 3.69 -18.65 -1.60
N TRP A 395 2.90 -18.14 -0.64
CA TRP A 395 1.83 -18.90 -0.02
C TRP A 395 0.47 -18.39 -0.46
N ALA A 396 -0.38 -19.30 -0.92
CA ALA A 396 -1.70 -18.93 -1.39
C ALA A 396 -2.60 -18.51 -0.23
N ALA A 397 -3.65 -17.78 -0.57
CA ALA A 397 -4.61 -17.32 0.42
C ALA A 397 -5.29 -18.53 1.05
N ARG A 398 -5.03 -18.77 2.33
CA ARG A 398 -5.78 -19.79 3.04
C ARG A 398 -7.19 -19.27 3.30
N SER A 399 -7.41 -18.67 4.48
CA SER A 399 -8.67 -17.98 4.72
C SER A 399 -8.58 -16.55 4.22
N MET A 400 -7.58 -15.80 4.69
CA MET A 400 -7.35 -14.39 4.40
C MET A 400 -6.21 -14.21 3.42
N PRO A 401 -6.07 -13.03 2.83
CA PRO A 401 -4.86 -12.72 2.06
C PRO A 401 -3.63 -12.85 2.93
N PRO A 402 -2.56 -13.48 2.42
CA PRO A 402 -1.38 -13.75 3.25
C PRO A 402 -0.71 -12.51 3.83
N SER A 403 -0.81 -11.37 3.15
CA SER A 403 -0.25 -10.11 3.63
C SER A 403 1.27 -10.18 3.78
N PHE A 404 1.89 -10.92 2.86
CA PHE A 404 3.35 -10.98 2.77
C PHE A 404 3.93 -9.59 2.62
N GLY A 405 4.84 -9.24 3.51
CA GLY A 405 5.45 -7.93 3.52
C GLY A 405 4.82 -6.95 4.50
N TYR A 406 3.69 -7.31 5.12
CA TYR A 406 3.00 -6.37 5.99
C TYR A 406 3.91 -5.84 7.08
N SER A 407 4.87 -6.65 7.53
CA SER A 407 5.95 -6.21 8.39
C SER A 407 7.26 -6.78 7.87
N MET A 408 8.34 -6.06 8.13
CA MET A 408 9.64 -6.46 7.65
C MET A 408 10.72 -5.78 8.47
N LYS A 409 11.86 -6.45 8.61
CA LYS A 409 12.99 -5.89 9.35
C LYS A 409 14.29 -6.26 8.66
N GLY A 410 15.18 -5.28 8.57
CA GLY A 410 16.51 -5.50 7.99
C GLY A 410 17.63 -4.93 8.85
N ALA A 411 18.78 -4.69 8.22
CA ALA A 411 19.95 -4.04 8.81
C ALA A 411 20.72 -4.92 9.80
N THR A 412 20.60 -6.25 9.69
CA THR A 412 21.26 -7.15 10.63
C THR A 412 21.89 -8.30 9.85
N ASP A 413 23.18 -8.56 10.09
CA ASP A 413 23.88 -9.66 9.42
C ASP A 413 23.83 -10.90 10.32
N ILE A 414 22.81 -11.73 10.10
CA ILE A 414 22.53 -12.84 11.01
C ILE A 414 23.41 -14.06 10.75
N ASP A 415 24.00 -14.16 9.56
CA ASP A 415 24.88 -15.26 9.19
C ASP A 415 26.35 -14.87 9.23
N LYS A 416 26.65 -13.60 9.55
CA LYS A 416 28.00 -13.09 9.66
C LYS A 416 28.80 -13.31 8.38
N ASN A 417 28.10 -13.24 7.24
CA ASN A 417 28.70 -13.34 5.91
C ASN A 417 29.11 -11.98 5.36
N GLY A 418 28.98 -10.92 6.15
CA GLY A 418 29.37 -9.58 5.79
C GLY A 418 28.25 -8.72 5.23
N TYR A 419 27.07 -9.31 4.99
CA TYR A 419 25.97 -8.60 4.36
C TYR A 419 24.72 -8.72 5.21
N PRO A 420 23.97 -7.63 5.37
CA PRO A 420 22.74 -7.69 6.18
C PRO A 420 21.62 -8.41 5.44
N ASP A 421 20.75 -9.04 6.22
CA ASP A 421 19.67 -9.86 5.70
C ASP A 421 18.33 -9.19 6.00
N LEU A 422 17.24 -9.86 5.65
CA LEU A 422 15.92 -9.26 5.71
C LEU A 422 14.89 -10.28 6.19
N ILE A 423 14.10 -9.90 7.19
CA ILE A 423 12.96 -10.69 7.65
C ILE A 423 11.69 -10.07 7.09
N VAL A 424 10.82 -10.91 6.51
CA VAL A 424 9.54 -10.49 5.98
C VAL A 424 8.46 -11.33 6.65
N GLY A 425 7.49 -10.67 7.26
CA GLY A 425 6.38 -11.36 7.91
C GLY A 425 5.20 -11.51 6.96
N ALA A 426 4.48 -12.63 7.11
CA ALA A 426 3.26 -12.90 6.35
C ALA A 426 2.23 -13.44 7.34
N PHE A 427 1.61 -12.51 8.09
CA PHE A 427 0.78 -12.92 9.22
C PHE A 427 -0.52 -13.58 8.78
N GLY A 428 -0.99 -13.25 7.58
CA GLY A 428 -2.20 -13.85 7.03
C GLY A 428 -2.12 -15.35 6.85
N VAL A 429 -0.94 -15.94 6.96
CA VAL A 429 -0.76 -17.38 6.86
C VAL A 429 0.15 -17.89 7.98
N ASP A 430 0.40 -17.03 8.98
CA ASP A 430 1.23 -17.39 10.12
C ASP A 430 2.62 -17.86 9.65
N ARG A 431 3.31 -16.95 8.96
CA ARG A 431 4.62 -17.25 8.38
C ARG A 431 5.53 -16.04 8.51
N ALA A 432 6.82 -16.32 8.64
CA ALA A 432 7.88 -15.31 8.52
C ALA A 432 9.04 -15.94 7.78
N ILE A 433 9.69 -15.16 6.91
CA ILE A 433 10.71 -15.67 6.02
C ILE A 433 11.99 -14.85 6.20
N LEU A 434 13.12 -15.54 6.33
CA LEU A 434 14.44 -14.92 6.37
C LEU A 434 15.09 -15.08 5.00
N TYR A 435 15.43 -13.96 4.37
CA TYR A 435 16.13 -13.95 3.09
C TYR A 435 17.60 -13.65 3.31
N ARG A 436 18.45 -14.52 2.79
CA ARG A 436 19.90 -14.38 2.93
C ARG A 436 20.47 -13.49 1.85
N ALA A 437 21.36 -12.59 2.24
CA ALA A 437 22.04 -11.72 1.28
C ALA A 437 23.23 -12.46 0.68
N ARG A 438 23.24 -12.58 -0.64
CA ARG A 438 24.37 -13.21 -1.31
C ARG A 438 25.51 -12.19 -1.45
N PRO A 439 26.76 -12.62 -1.32
CA PRO A 439 27.88 -11.71 -1.55
C PRO A 439 27.99 -11.32 -3.01
N VAL A 440 28.50 -10.12 -3.25
CA VAL A 440 28.51 -9.52 -4.59
C VAL A 440 29.93 -9.49 -5.13
N ILE A 441 30.13 -10.09 -6.30
CA ILE A 441 31.42 -10.14 -6.99
C ILE A 441 31.43 -9.12 -8.11
N THR A 442 32.45 -8.27 -8.13
CA THR A 442 32.71 -7.37 -9.25
C THR A 442 33.84 -7.93 -10.11
N VAL A 443 33.57 -8.13 -11.40
CA VAL A 443 34.51 -8.74 -12.33
C VAL A 443 34.92 -7.71 -13.38
N ASN A 444 36.23 -7.61 -13.62
CA ASN A 444 36.82 -6.73 -14.62
C ASN A 444 37.47 -7.59 -15.71
N ALA A 445 36.88 -7.62 -16.90
CA ALA A 445 37.37 -8.43 -17.99
C ALA A 445 38.12 -7.58 -19.03
N GLY A 446 39.09 -8.21 -19.69
CA GLY A 446 39.81 -7.56 -20.77
C GLY A 446 39.90 -8.47 -21.98
N LEU A 447 40.03 -7.84 -23.15
CA LEU A 447 40.15 -8.58 -24.40
C LEU A 447 40.89 -7.72 -25.42
N GLU A 448 42.09 -8.17 -25.83
CA GLU A 448 42.92 -7.47 -26.80
C GLU A 448 43.24 -8.37 -27.97
N VAL A 449 43.23 -7.81 -29.18
CA VAL A 449 43.58 -8.53 -30.41
C VAL A 449 44.63 -7.70 -31.16
N TYR A 450 45.90 -8.10 -31.05
CA TYR A 450 46.99 -7.39 -31.71
C TYR A 450 47.97 -8.35 -32.38
N PRO A 451 48.37 -8.11 -33.64
CA PRO A 451 47.92 -6.99 -34.49
C PRO A 451 46.48 -7.12 -34.98
N SER A 452 45.83 -5.98 -35.23
CA SER A 452 44.43 -5.96 -35.58
C SER A 452 44.15 -5.97 -37.07
N ILE A 453 45.10 -5.54 -37.90
CA ILE A 453 44.99 -5.65 -39.35
C ILE A 453 45.91 -6.78 -39.78
N LEU A 454 45.34 -7.79 -40.43
CA LEU A 454 45.97 -9.10 -40.59
C LEU A 454 46.43 -9.29 -42.03
N ASN A 455 47.75 -9.41 -42.20
CA ASN A 455 48.36 -9.58 -43.51
C ASN A 455 48.44 -11.07 -43.86
N GLN A 456 47.78 -11.46 -44.96
CA GLN A 456 47.77 -12.86 -45.35
C GLN A 456 49.16 -13.37 -45.72
N ASP A 457 50.04 -12.50 -46.22
CA ASP A 457 51.39 -12.92 -46.56
C ASP A 457 52.38 -12.79 -45.41
N ASN A 458 52.00 -12.20 -44.28
CA ASN A 458 52.88 -12.16 -43.10
C ASN A 458 52.63 -13.45 -42.33
N LYS A 459 53.20 -14.54 -42.85
CA LYS A 459 53.05 -15.87 -42.27
C LYS A 459 54.27 -16.12 -41.39
N THR A 460 54.15 -15.76 -40.12
CA THR A 460 55.25 -15.86 -39.17
C THR A 460 55.23 -17.17 -38.38
N CYS A 461 54.16 -17.43 -37.65
CA CYS A 461 54.11 -18.63 -36.82
C CYS A 461 53.96 -19.88 -37.67
N SER A 462 54.48 -20.99 -37.14
CA SER A 462 54.34 -22.29 -37.78
C SER A 462 53.13 -23.01 -37.20
N LEU A 463 52.33 -23.61 -38.06
CA LEU A 463 51.20 -24.40 -37.59
C LEU A 463 51.78 -25.62 -36.88
N PRO A 464 51.51 -25.82 -35.59
CA PRO A 464 52.23 -26.88 -34.85
C PRO A 464 51.99 -28.27 -35.38
N GLY A 465 50.89 -28.50 -36.10
CA GLY A 465 50.67 -29.80 -36.71
C GLY A 465 51.58 -30.02 -37.90
N THR A 466 51.23 -29.40 -39.03
CA THR A 466 52.03 -29.53 -40.24
C THR A 466 53.32 -28.73 -40.08
N ALA A 467 54.01 -28.49 -41.20
CA ALA A 467 55.20 -27.66 -41.22
C ALA A 467 54.95 -26.32 -41.89
N LEU A 468 53.75 -26.10 -42.42
CA LEU A 468 53.42 -24.87 -43.13
C LEU A 468 53.34 -23.71 -42.16
N LYS A 469 54.01 -22.61 -42.50
CA LYS A 469 53.86 -21.39 -41.70
C LYS A 469 52.57 -20.68 -42.07
N VAL A 470 52.00 -19.96 -41.10
CA VAL A 470 50.68 -19.36 -41.23
C VAL A 470 50.72 -17.90 -40.76
N SER A 471 49.68 -17.16 -41.18
CA SER A 471 49.46 -15.80 -40.70
C SER A 471 48.77 -15.83 -39.34
N CYS A 472 49.44 -15.31 -38.32
CA CYS A 472 49.00 -15.46 -36.94
C CYS A 472 48.86 -14.12 -36.24
N PHE A 473 48.09 -14.12 -35.15
CA PHE A 473 47.87 -12.94 -34.32
C PHE A 473 47.59 -13.37 -32.89
N ASN A 474 47.69 -12.41 -31.97
CA ASN A 474 47.52 -12.67 -30.54
C ASN A 474 46.12 -12.31 -30.09
N VAL A 475 45.54 -13.16 -29.24
CA VAL A 475 44.28 -12.89 -28.55
C VAL A 475 44.55 -12.98 -27.06
N ARG A 476 44.60 -11.83 -26.38
CA ARG A 476 44.89 -11.76 -24.96
C ARG A 476 43.66 -11.30 -24.19
N PHE A 477 43.23 -12.11 -23.22
CA PHE A 477 42.10 -11.80 -22.36
C PHE A 477 42.54 -11.75 -20.91
N CYS A 478 42.02 -10.78 -20.18
CA CYS A 478 42.34 -10.55 -18.77
C CYS A 478 41.11 -10.73 -17.91
N LEU A 479 41.32 -11.01 -16.62
CA LEU A 479 40.21 -11.23 -15.71
C LEU A 479 40.62 -10.86 -14.30
N LYS A 480 39.76 -10.10 -13.60
CA LYS A 480 40.02 -9.63 -12.25
C LYS A 480 38.73 -9.65 -11.46
N ALA A 481 38.80 -10.07 -10.20
CA ALA A 481 37.62 -10.18 -9.36
C ALA A 481 37.96 -9.76 -7.93
N ASP A 482 36.93 -9.31 -7.21
CA ASP A 482 37.11 -8.90 -5.83
C ASP A 482 35.77 -8.83 -5.09
N GLY A 485 33.02 -8.18 0.68
CA GLY A 485 32.53 -9.16 1.61
C GLY A 485 33.58 -10.15 2.08
N VAL A 486 33.14 -11.22 2.73
CA VAL A 486 34.00 -12.36 3.05
C VAL A 486 33.81 -13.38 1.92
N LEU A 487 34.91 -13.75 1.27
CA LEU A 487 34.87 -14.36 -0.04
C LEU A 487 35.89 -15.49 -0.15
N PRO A 488 35.63 -16.49 -0.99
CA PRO A 488 36.67 -17.47 -1.30
C PRO A 488 37.86 -16.78 -1.95
N ARG A 489 39.07 -17.22 -1.58
CA ARG A 489 40.27 -16.66 -2.19
C ARG A 489 40.28 -16.95 -3.68
N LYS A 490 40.20 -18.23 -4.05
CA LYS A 490 40.22 -18.67 -5.43
C LYS A 490 38.80 -18.72 -5.97
N LEU A 491 38.49 -17.84 -6.91
CA LEU A 491 37.21 -17.83 -7.61
C LEU A 491 37.42 -18.42 -8.99
N ASN A 492 36.66 -19.47 -9.30
CA ASN A 492 36.82 -20.24 -10.53
C ASN A 492 35.92 -19.68 -11.62
N PHE A 493 36.53 -19.16 -12.69
CA PHE A 493 35.81 -18.56 -13.80
C PHE A 493 35.89 -19.46 -15.03
N GLN A 494 34.78 -19.55 -15.76
CA GLN A 494 34.71 -20.31 -16.99
C GLN A 494 34.58 -19.33 -18.15
N VAL A 495 35.64 -19.20 -18.94
CA VAL A 495 35.71 -18.25 -20.04
C VAL A 495 35.66 -19.01 -21.35
N GLU A 496 34.80 -18.57 -22.26
CA GLU A 496 34.71 -19.15 -23.60
C GLU A 496 34.90 -18.04 -24.62
N LEU A 497 35.71 -18.33 -25.65
CA LEU A 497 36.03 -17.41 -26.72
C LEU A 497 35.49 -18.00 -28.02
N LEU A 498 35.00 -17.13 -28.91
CA LEU A 498 34.53 -17.54 -30.23
C LEU A 498 35.12 -16.61 -31.29
N LEU A 499 35.79 -17.20 -32.29
CA LEU A 499 36.35 -16.43 -33.39
C LEU A 499 35.34 -16.31 -34.54
N ASP A 500 35.36 -15.15 -35.20
CA ASP A 500 34.57 -14.83 -36.39
C ASP A 500 33.09 -14.61 -36.05
N LYS A 501 32.44 -13.69 -36.78
CA LYS A 501 31.03 -13.40 -36.53
C LYS A 501 30.15 -14.59 -36.90
N LEU A 502 30.38 -15.17 -38.09
CA LEU A 502 29.62 -16.32 -38.55
C LEU A 502 30.25 -17.63 -38.05
N ILE A 508 31.23 -20.70 -41.23
CA ILE A 508 32.42 -20.59 -42.06
C ILE A 508 33.44 -19.73 -41.31
N ARG A 509 33.79 -20.16 -40.10
CA ARG A 509 34.76 -19.44 -39.28
C ARG A 509 36.13 -19.38 -39.94
N ARG A 510 36.55 -18.17 -40.31
CA ARG A 510 37.76 -17.95 -41.10
C ARG A 510 39.00 -17.81 -40.23
N ALA A 511 38.87 -17.77 -38.91
CA ALA A 511 39.99 -17.64 -38.00
C ALA A 511 39.92 -18.77 -36.98
N LEU A 512 41.07 -19.37 -36.70
CA LEU A 512 41.14 -20.52 -35.80
C LEU A 512 42.34 -20.34 -34.88
N PHE A 513 42.29 -21.05 -33.75
CA PHE A 513 43.39 -21.05 -32.80
C PHE A 513 44.49 -21.99 -33.26
N LEU A 514 45.75 -21.57 -33.02
CA LEU A 514 46.89 -22.28 -33.57
C LEU A 514 46.98 -23.70 -33.04
N TYR A 515 46.95 -23.86 -31.72
CA TYR A 515 47.12 -25.17 -31.08
C TYR A 515 45.88 -26.05 -31.15
N SER A 516 44.82 -25.65 -31.85
CA SER A 516 43.59 -26.43 -31.82
C SER A 516 42.83 -26.48 -33.13
N ARG A 517 43.08 -25.58 -34.07
CA ARG A 517 42.39 -25.54 -35.36
C ARG A 517 40.88 -25.44 -35.20
N SER A 518 40.44 -24.84 -34.10
CA SER A 518 39.04 -24.66 -33.76
C SER A 518 38.75 -23.19 -33.52
N PRO A 519 37.52 -22.73 -33.77
CA PRO A 519 37.21 -21.32 -33.53
C PRO A 519 37.07 -20.95 -32.06
N SER A 520 36.93 -21.92 -31.16
CA SER A 520 36.68 -21.65 -29.76
C SER A 520 37.85 -22.12 -28.90
N HIS A 521 37.76 -21.87 -27.59
CA HIS A 521 38.88 -22.18 -26.70
C HIS A 521 38.43 -22.80 -25.38
N SER A 522 37.87 -21.97 -24.48
CA SER A 522 37.40 -22.36 -23.13
C SER A 522 38.58 -22.58 -22.17
N LYS A 523 38.48 -22.05 -20.95
CA LYS A 523 39.56 -22.23 -19.99
C LYS A 523 39.03 -22.02 -18.57
N ASN A 524 39.43 -22.92 -17.66
CA ASN A 524 39.07 -22.88 -16.25
C ASN A 524 40.14 -22.08 -15.50
N MET A 525 39.99 -20.77 -15.48
CA MET A 525 40.98 -19.92 -14.84
C MET A 525 40.52 -19.51 -13.45
N THR A 526 41.49 -19.09 -12.63
CA THR A 526 41.30 -18.85 -11.21
C THR A 526 41.85 -17.48 -10.83
N ILE A 527 41.04 -16.69 -10.13
CA ILE A 527 41.42 -15.34 -9.72
C ILE A 527 41.39 -15.24 -8.20
N SER A 528 42.30 -14.45 -7.65
CA SER A 528 42.33 -14.12 -6.23
C SER A 528 41.82 -12.69 -6.05
N ARG A 529 40.93 -12.50 -5.09
CA ARG A 529 40.34 -11.18 -4.86
C ARG A 529 41.33 -10.25 -4.16
N MET A 533 45.38 -8.68 -10.88
CA MET A 533 45.19 -8.95 -12.30
C MET A 533 45.25 -10.44 -12.61
N GLN A 534 45.05 -10.78 -13.88
CA GLN A 534 45.19 -12.12 -14.43
C GLN A 534 44.89 -12.11 -15.92
N CYS A 535 45.90 -12.34 -16.74
CA CYS A 535 45.73 -12.37 -18.19
C CYS A 535 46.30 -13.68 -18.74
N GLU A 536 45.90 -14.00 -19.96
CA GLU A 536 46.35 -15.21 -20.62
C GLU A 536 46.41 -14.96 -22.11
N GLU A 537 47.54 -15.26 -22.73
CA GLU A 537 47.79 -14.95 -24.12
C GLU A 537 47.63 -16.20 -24.99
N LEU A 538 47.17 -15.98 -26.22
CA LEU A 538 46.91 -17.05 -27.17
C LEU A 538 47.41 -16.62 -28.54
N ILE A 539 47.41 -17.57 -29.48
CA ILE A 539 47.82 -17.32 -30.85
C ILE A 539 46.78 -17.97 -31.76
N ALA A 540 46.17 -17.17 -32.63
CA ALA A 540 45.21 -17.64 -33.60
C ALA A 540 45.71 -17.31 -35.00
N TYR A 541 45.17 -18.00 -36.00
CA TYR A 541 45.66 -17.85 -37.36
C TYR A 541 44.50 -17.72 -38.35
N LEU A 542 44.83 -17.15 -39.51
CA LEU A 542 43.92 -17.11 -40.64
C LEU A 542 44.03 -18.40 -41.44
N ARG A 543 42.92 -18.79 -42.07
CA ARG A 543 42.97 -19.85 -43.05
C ARG A 543 43.56 -19.35 -44.37
N ASP A 544 43.99 -20.31 -45.19
CA ASP A 544 44.56 -19.98 -46.50
C ASP A 544 43.57 -19.22 -47.36
N GLU A 545 44.11 -18.33 -48.20
CA GLU A 545 43.28 -17.46 -49.03
C GLU A 545 42.35 -18.24 -49.94
N SER A 546 42.79 -19.42 -50.40
CA SER A 546 41.99 -20.27 -51.28
C SER A 546 40.88 -21.00 -50.55
N GLU A 547 40.93 -21.07 -49.21
CA GLU A 547 39.93 -21.85 -48.50
C GLU A 547 38.60 -21.14 -48.35
N PHE A 548 38.55 -19.83 -48.58
CA PHE A 548 37.32 -19.08 -48.40
C PHE A 548 37.33 -17.85 -49.30
N ARG A 549 36.13 -17.38 -49.64
CA ARG A 549 36.00 -16.17 -50.44
C ARG A 549 36.00 -14.97 -49.50
N ASP A 550 34.93 -14.19 -49.54
CA ASP A 550 34.63 -13.08 -48.62
C ASP A 550 35.73 -12.70 -47.63
N LYS A 551 36.62 -11.80 -48.03
CA LYS A 551 37.60 -11.21 -47.13
C LYS A 551 37.15 -9.83 -46.66
N LEU A 552 35.87 -9.51 -46.83
CA LEU A 552 35.30 -8.21 -46.56
C LEU A 552 34.58 -8.13 -45.21
N THR A 553 33.92 -9.21 -44.80
CA THR A 553 33.28 -9.24 -43.49
C THR A 553 34.35 -9.24 -42.40
N PRO A 554 34.23 -8.38 -41.38
CA PRO A 554 35.22 -8.37 -40.31
C PRO A 554 35.16 -9.64 -39.46
N ILE A 555 36.23 -9.84 -38.70
CA ILE A 555 36.37 -10.99 -37.80
C ILE A 555 36.17 -10.50 -36.38
N THR A 556 35.03 -10.85 -35.78
CA THR A 556 34.70 -10.45 -34.42
C THR A 556 35.19 -11.52 -33.43
N ILE A 557 36.00 -11.10 -32.46
CA ILE A 557 36.49 -11.97 -31.39
C ILE A 557 35.58 -11.79 -30.19
N PHE A 558 34.85 -12.85 -29.83
CA PHE A 558 33.78 -12.79 -28.83
C PHE A 558 34.16 -13.60 -27.60
N MET A 559 34.40 -12.90 -26.49
CA MET A 559 34.70 -13.52 -25.20
C MET A 559 33.43 -13.57 -24.36
N GLU A 560 33.41 -14.48 -23.38
CA GLU A 560 32.22 -14.63 -22.54
C GLU A 560 32.59 -15.40 -21.27
N TYR A 561 32.77 -14.67 -20.17
CA TYR A 561 33.03 -15.24 -18.87
C TYR A 561 31.71 -15.55 -18.18
N ARG A 562 31.72 -16.61 -17.35
CA ARG A 562 30.50 -17.16 -16.77
C ARG A 562 30.63 -17.33 -15.27
N LEU A 563 29.47 -17.31 -14.61
CA LEU A 563 29.30 -17.53 -13.17
C LEU A 563 30.22 -18.58 -12.57
N ASP A 564 30.58 -18.38 -11.31
CA ASP A 564 31.49 -19.26 -10.58
C ASP A 564 30.86 -20.57 -10.12
N TYR A 565 29.59 -20.79 -10.45
CA TYR A 565 28.86 -22.10 -10.42
C TYR A 565 28.87 -22.68 -9.01
N ARG A 566 29.03 -24.01 -8.89
CA ARG A 566 28.85 -24.69 -7.60
C ARG A 566 29.94 -24.32 -6.61
N THR A 567 31.20 -24.43 -7.02
CA THR A 567 32.34 -24.37 -6.12
C THR A 567 32.56 -23.01 -5.49
N ALA A 568 31.69 -22.03 -5.75
CA ALA A 568 31.79 -20.73 -5.13
C ALA A 568 30.89 -20.59 -3.91
N ALA A 569 30.09 -21.62 -3.62
CA ALA A 569 29.13 -21.58 -2.54
C ALA A 569 29.80 -21.47 -1.18
N ASP A 570 29.08 -20.87 -0.24
CA ASP A 570 29.56 -20.73 1.13
C ASP A 570 29.31 -22.03 1.90
N THR A 571 29.69 -22.05 3.17
CA THR A 571 29.46 -23.24 3.99
C THR A 571 27.99 -23.57 4.09
N THR A 572 27.12 -22.57 3.96
CA THR A 572 25.67 -22.75 3.99
C THR A 572 25.07 -23.05 2.63
N GLY A 573 25.89 -23.22 1.60
CA GLY A 573 25.36 -23.34 0.25
C GLY A 573 24.95 -22.03 -0.38
N LEU A 574 25.39 -20.91 0.19
CA LEU A 574 25.02 -19.57 -0.31
C LEU A 574 26.00 -19.15 -1.38
N GLN A 575 25.55 -19.17 -2.65
CA GLN A 575 26.41 -18.83 -3.78
C GLN A 575 26.41 -17.33 -4.01
N PRO A 576 27.58 -16.71 -4.21
CA PRO A 576 27.62 -15.25 -4.42
C PRO A 576 26.99 -14.86 -5.75
N ILE A 577 27.00 -13.56 -6.07
CA ILE A 577 26.42 -13.09 -7.31
C ILE A 577 27.37 -12.09 -7.94
N LEU A 578 27.36 -12.05 -9.27
CA LEU A 578 28.11 -11.01 -9.97
C LEU A 578 27.33 -9.71 -9.85
N ASN A 579 28.06 -8.61 -9.72
CA ASN A 579 27.41 -7.32 -9.54
C ASN A 579 26.47 -7.06 -10.71
N GLN A 580 25.31 -6.46 -10.42
CA GLN A 580 24.26 -6.29 -11.42
C GLN A 580 24.74 -5.52 -12.65
N PHE A 581 25.78 -4.70 -12.51
CA PHE A 581 26.34 -3.96 -13.63
C PHE A 581 27.10 -4.83 -14.63
N THR A 582 27.42 -6.07 -14.26
CA THR A 582 28.40 -6.88 -14.98
C THR A 582 28.02 -7.11 -16.45
N PRO A 583 28.86 -6.70 -17.40
CA PRO A 583 28.63 -7.08 -18.79
C PRO A 583 28.73 -8.58 -18.98
N ALA A 584 27.88 -9.11 -19.86
CA ALA A 584 27.88 -10.55 -20.10
C ALA A 584 29.05 -11.00 -20.97
N ASN A 585 29.63 -10.09 -21.75
CA ASN A 585 30.63 -10.46 -22.74
C ASN A 585 31.37 -9.21 -23.21
N ILE A 586 32.48 -9.44 -23.89
CA ILE A 586 33.23 -8.38 -24.55
C ILE A 586 33.64 -8.86 -25.93
N SER A 587 33.75 -7.93 -26.87
CA SER A 587 34.05 -8.24 -28.26
C SER A 587 35.19 -7.38 -28.76
N ARG A 588 35.94 -7.95 -29.68
CA ARG A 588 37.03 -7.28 -30.37
C ARG A 588 36.94 -7.65 -31.83
N GLN A 589 37.81 -7.06 -32.64
CA GLN A 589 37.73 -7.27 -34.07
C GLN A 589 39.12 -7.23 -34.69
N ALA A 590 39.29 -8.01 -35.75
CA ALA A 590 40.49 -7.97 -36.59
C ALA A 590 40.05 -7.91 -38.04
N HIS A 591 40.91 -7.35 -38.88
CA HIS A 591 40.60 -7.16 -40.29
C HIS A 591 41.73 -7.64 -41.18
N ILE A 592 41.36 -8.04 -42.41
CA ILE A 592 42.28 -8.57 -43.40
C ILE A 592 42.47 -7.53 -44.50
N LEU A 593 43.65 -7.52 -45.13
CA LEU A 593 44.01 -6.46 -46.07
C LEU A 593 43.63 -6.78 -47.50
N LEU A 594 43.99 -5.87 -48.41
CA LEU A 594 43.86 -6.04 -49.85
C LEU A 594 45.06 -5.40 -50.56
N SER B 66 -10.30 2.49 -42.14
CA SER B 66 -11.66 2.92 -42.41
C SER B 66 -12.49 3.00 -41.14
N LYS B 67 -13.67 3.60 -41.24
CA LYS B 67 -14.61 3.73 -40.13
C LYS B 67 -15.98 3.29 -40.63
N ASP B 68 -16.56 2.29 -39.98
CA ASP B 68 -17.86 1.76 -40.38
C ASP B 68 -18.72 1.56 -39.15
N ILE B 69 -19.80 2.33 -39.03
CA ILE B 69 -20.75 2.18 -37.93
C ILE B 69 -21.58 0.93 -38.12
N LYS B 70 -21.76 0.16 -37.05
CA LYS B 70 -22.49 -1.10 -37.13
C LYS B 70 -23.85 -1.05 -36.46
N LYS B 71 -24.03 -0.26 -35.41
CA LYS B 71 -25.31 -0.13 -34.73
C LYS B 71 -25.58 1.33 -34.41
N ASN B 72 -26.79 1.80 -34.72
CA ASN B 72 -27.12 3.21 -34.50
C ASN B 72 -28.62 3.45 -34.34
N LYS B 73 -29.21 2.93 -33.28
CA LYS B 73 -30.59 3.28 -32.95
C LYS B 73 -30.65 4.75 -32.55
N ASN B 74 -31.63 5.47 -33.11
CA ASN B 74 -31.78 6.88 -32.81
C ASN B 74 -32.23 7.11 -31.36
N VAL B 75 -31.91 8.31 -30.86
CA VAL B 75 -32.31 8.69 -29.51
C VAL B 75 -33.83 8.87 -29.42
N THR B 76 -34.38 8.58 -28.24
CA THR B 76 -35.82 8.56 -28.03
C THR B 76 -36.39 9.98 -27.96
N ASN B 77 -37.66 10.10 -28.38
CA ASN B 77 -38.46 11.31 -28.15
C ASN B 77 -39.96 11.00 -28.19
N LYS B 85 -47.26 8.90 -23.04
CA LYS B 85 -47.88 7.60 -22.80
C LYS B 85 -47.14 6.82 -21.70
N LEU B 86 -46.62 5.65 -22.06
CA LEU B 86 -45.88 4.79 -21.13
C LEU B 86 -44.59 4.32 -21.79
N LYS B 87 -43.48 4.38 -21.05
CA LYS B 87 -42.18 3.94 -21.55
C LYS B 87 -41.40 3.18 -20.49
N PRO B 88 -40.91 1.96 -20.80
CA PRO B 88 -40.12 1.20 -19.82
C PRO B 88 -38.74 1.79 -19.57
N GLU B 89 -37.71 0.95 -19.70
CA GLU B 89 -36.34 1.38 -19.53
C GLU B 89 -35.52 1.18 -20.79
N ASP B 90 -36.16 0.84 -21.90
CA ASP B 90 -35.49 0.66 -23.19
C ASP B 90 -35.43 1.96 -23.97
N ILE B 91 -34.95 2.99 -23.31
CA ILE B 91 -34.80 4.31 -23.91
C ILE B 91 -33.38 4.41 -24.43
N THR B 92 -33.20 5.09 -25.55
CA THR B 92 -31.88 5.30 -26.13
C THR B 92 -31.49 6.75 -25.94
N GLN B 93 -30.43 6.97 -25.16
CA GLN B 93 -29.91 8.30 -24.92
C GLN B 93 -28.55 8.52 -25.56
N ILE B 94 -27.90 7.46 -26.05
CA ILE B 94 -26.59 7.56 -26.68
C ILE B 94 -26.66 6.85 -28.03
N GLN B 95 -26.09 7.49 -29.06
CA GLN B 95 -25.99 6.93 -30.40
C GLN B 95 -24.70 7.43 -31.03
N PRO B 96 -24.02 6.60 -31.83
CA PRO B 96 -24.32 5.19 -32.09
C PRO B 96 -23.97 4.29 -30.91
N GLN B 97 -24.20 2.98 -31.03
CA GLN B 97 -23.92 2.06 -29.94
C GLN B 97 -22.82 1.06 -30.25
N GLN B 98 -22.51 0.84 -31.53
CA GLN B 98 -21.44 -0.07 -31.90
C GLN B 98 -20.89 0.33 -33.26
N LEU B 99 -19.58 0.45 -33.35
CA LEU B 99 -18.92 0.74 -34.62
C LEU B 99 -17.55 0.08 -34.62
N VAL B 100 -16.96 -0.02 -35.81
CA VAL B 100 -15.65 -0.62 -35.99
C VAL B 100 -14.75 0.42 -36.64
N LEU B 101 -13.54 0.57 -36.11
CA LEU B 101 -12.53 1.47 -36.67
C LEU B 101 -11.34 0.67 -37.14
N ARG B 102 -10.97 0.84 -38.41
CA ARG B 102 -9.73 0.31 -38.95
C ARG B 102 -8.68 1.43 -38.93
N LEU B 103 -7.54 1.16 -38.29
CA LEU B 103 -6.55 2.18 -37.96
C LEU B 103 -5.25 1.90 -38.71
N ARG B 104 -4.81 2.86 -39.52
CA ARG B 104 -3.51 2.80 -40.17
C ARG B 104 -2.41 3.25 -39.21
N SER B 105 -1.16 3.13 -39.68
CA SER B 105 0.03 3.49 -38.92
C SER B 105 0.00 4.94 -38.44
N GLY B 106 -0.77 5.20 -37.38
CA GLY B 106 -0.87 6.54 -36.83
C GLY B 106 -1.83 7.46 -37.56
N GLU B 107 -2.98 6.93 -37.99
CA GLU B 107 -3.98 7.70 -38.73
C GLU B 107 -5.20 7.96 -37.84
N PRO B 108 -5.49 9.20 -37.47
CA PRO B 108 -6.67 9.46 -36.62
C PRO B 108 -7.96 9.19 -37.38
N GLN B 109 -8.81 8.35 -36.78
CA GLN B 109 -10.16 8.11 -37.27
C GLN B 109 -11.13 8.67 -36.23
N THR B 110 -12.01 9.56 -36.67
CA THR B 110 -12.91 10.29 -35.79
C THR B 110 -14.36 9.90 -36.04
N PHE B 111 -15.14 9.79 -34.95
CA PHE B 111 -16.57 9.52 -35.02
C PHE B 111 -17.29 10.39 -34.01
N THR B 112 -18.59 10.55 -34.21
CA THR B 112 -19.42 11.45 -33.41
C THR B 112 -20.41 10.65 -32.57
N LEU B 113 -20.49 11.00 -31.28
CA LEU B 113 -21.48 10.44 -30.36
C LEU B 113 -22.50 11.50 -29.99
N LYS B 114 -23.79 11.15 -30.10
CA LYS B 114 -24.89 12.02 -29.71
C LYS B 114 -25.53 11.53 -28.41
N PHE B 115 -25.74 12.44 -27.47
CA PHE B 115 -26.42 12.14 -26.21
C PHE B 115 -27.63 13.04 -26.03
N LYS B 116 -28.78 12.43 -25.69
CA LYS B 116 -30.00 13.17 -25.42
C LYS B 116 -30.52 12.77 -24.05
N ARG B 117 -30.70 13.76 -23.17
CA ARG B 117 -31.17 13.49 -21.82
C ARG B 117 -32.63 13.07 -21.86
N ALA B 118 -32.92 11.88 -21.32
CA ALA B 118 -34.27 11.35 -21.35
C ALA B 118 -35.23 12.29 -20.62
N GLU B 119 -36.45 12.40 -21.15
CA GLU B 119 -37.40 13.34 -20.59
C GLU B 119 -37.89 12.89 -19.22
N ASP B 120 -38.17 11.60 -19.06
CA ASP B 120 -38.74 11.06 -17.82
C ASP B 120 -38.04 9.74 -17.52
N TYR B 121 -37.00 9.81 -16.69
CA TYR B 121 -36.24 8.63 -16.33
C TYR B 121 -36.51 8.28 -14.87
N PRO B 122 -36.72 7.00 -14.56
CA PRO B 122 -37.01 6.61 -13.17
C PRO B 122 -35.83 6.88 -12.24
N ILE B 123 -36.14 6.95 -10.95
CA ILE B 123 -35.15 7.26 -9.91
C ILE B 123 -35.25 6.26 -8.78
N ASP B 124 -34.11 5.69 -8.40
CA ASP B 124 -33.94 4.98 -7.13
C ASP B 124 -33.09 5.82 -6.19
N LEU B 125 -33.60 6.08 -4.99
CA LEU B 125 -32.86 6.85 -3.97
C LEU B 125 -32.81 6.03 -2.68
N TYR B 126 -31.61 5.72 -2.23
CA TYR B 126 -31.41 5.06 -0.94
C TYR B 126 -30.87 6.07 0.05
N TYR B 127 -31.56 6.21 1.18
CA TYR B 127 -31.23 7.21 2.18
C TYR B 127 -30.41 6.56 3.29
N LEU B 128 -29.11 6.88 3.34
CA LEU B 128 -28.18 6.32 4.30
C LEU B 128 -27.80 7.42 5.29
N MET B 129 -28.27 7.30 6.53
CA MET B 129 -28.22 8.38 7.52
C MET B 129 -27.35 7.99 8.71
N ASP B 130 -26.57 8.94 9.18
CA ASP B 130 -25.82 8.80 10.43
C ASP B 130 -26.82 8.81 11.60
N LEU B 131 -26.83 7.74 12.39
CA LEU B 131 -27.67 7.67 13.58
C LEU B 131 -26.87 7.67 14.88
N SER B 132 -25.69 8.28 14.86
CA SER B 132 -25.00 8.53 16.12
C SER B 132 -25.72 9.63 16.89
N TYR B 133 -25.29 9.86 18.13
CA TYR B 133 -26.11 10.68 19.04
C TYR B 133 -26.20 12.13 18.59
N SER B 134 -25.16 12.65 17.93
CA SER B 134 -25.22 14.02 17.43
C SER B 134 -26.28 14.21 16.36
N MET B 135 -26.82 13.11 15.82
CA MET B 135 -27.89 13.15 14.84
C MET B 135 -29.28 12.90 15.44
N LYS B 136 -29.41 13.00 16.77
CA LYS B 136 -30.69 12.71 17.41
C LYS B 136 -31.80 13.62 16.89
N ASP B 137 -31.53 14.93 16.82
CA ASP B 137 -32.55 15.85 16.35
C ASP B 137 -32.91 15.59 14.90
N ASP B 138 -31.93 15.18 14.10
CA ASP B 138 -32.17 14.90 12.69
C ASP B 138 -33.11 13.71 12.52
N LEU B 139 -32.88 12.63 13.27
CA LEU B 139 -33.73 11.45 13.16
C LEU B 139 -35.20 11.78 13.37
N GLU B 140 -35.49 12.77 14.20
CA GLU B 140 -36.88 13.16 14.43
C GLU B 140 -37.48 13.87 13.20
N ASN B 141 -36.66 14.64 12.47
CA ASN B 141 -37.16 15.39 11.32
C ASN B 141 -37.25 14.56 10.05
N VAL B 142 -37.00 13.26 10.12
CA VAL B 142 -37.04 12.39 8.95
C VAL B 142 -38.19 11.39 9.03
N LYS B 143 -38.97 11.43 10.11
CA LYS B 143 -40.08 10.51 10.29
C LYS B 143 -41.10 10.58 9.15
N SER B 144 -41.13 11.68 8.39
CA SER B 144 -42.07 11.83 7.28
C SER B 144 -41.38 12.02 5.94
N LEU B 145 -40.06 11.82 5.86
CA LEU B 145 -39.34 12.19 4.64
C LEU B 145 -39.77 11.37 3.43
N GLY B 146 -40.18 10.11 3.65
CA GLY B 146 -40.53 9.26 2.53
C GLY B 146 -41.67 9.83 1.71
N THR B 147 -42.76 10.21 2.37
CA THR B 147 -43.89 10.79 1.66
C THR B 147 -43.56 12.18 1.14
N ASP B 148 -42.79 12.96 1.91
CA ASP B 148 -42.47 14.32 1.49
C ASP B 148 -41.55 14.32 0.27
N LEU B 149 -40.51 13.50 0.28
CA LEU B 149 -39.64 13.42 -0.88
C LEU B 149 -40.37 12.85 -2.08
N MET B 150 -41.25 11.85 -1.86
CA MET B 150 -41.98 11.24 -2.96
C MET B 150 -42.86 12.28 -3.66
N ASN B 151 -43.59 13.09 -2.89
CA ASN B 151 -44.44 14.11 -3.50
C ASN B 151 -43.60 15.14 -4.25
N GLU B 152 -42.49 15.58 -3.66
CA GLU B 152 -41.63 16.52 -4.36
C GLU B 152 -41.03 15.89 -5.62
N MET B 153 -40.68 14.60 -5.55
CA MET B 153 -40.06 13.94 -6.69
C MET B 153 -41.02 13.73 -7.86
N ARG B 154 -42.33 13.69 -7.60
CA ARG B 154 -43.28 13.54 -8.71
C ARG B 154 -43.21 14.72 -9.68
N ARG B 155 -42.72 15.87 -9.22
CA ARG B 155 -42.49 16.97 -10.14
C ARG B 155 -41.26 16.76 -11.01
N ILE B 156 -40.65 15.58 -10.92
CA ILE B 156 -39.46 15.25 -11.70
C ILE B 156 -39.62 13.90 -12.38
N THR B 157 -40.26 12.95 -11.71
CA THR B 157 -40.27 11.57 -12.16
C THR B 157 -41.65 10.96 -12.06
N SER B 158 -41.94 10.02 -12.96
CA SER B 158 -43.14 9.22 -12.91
C SER B 158 -42.94 7.88 -12.24
N ASP B 159 -41.70 7.50 -11.92
CA ASP B 159 -41.38 6.18 -11.38
C ASP B 159 -40.26 6.36 -10.36
N PHE B 160 -40.64 6.52 -9.09
CA PHE B 160 -39.70 6.81 -8.01
C PHE B 160 -39.84 5.77 -6.90
N ARG B 161 -38.70 5.31 -6.38
CA ARG B 161 -38.67 4.39 -5.25
C ARG B 161 -37.74 4.93 -4.18
N ILE B 162 -38.06 4.62 -2.94
CA ILE B 162 -37.35 5.17 -1.80
C ILE B 162 -36.89 4.04 -0.88
N GLY B 163 -35.72 4.23 -0.27
CA GLY B 163 -35.21 3.30 0.71
C GLY B 163 -34.53 4.04 1.85
N PHE B 164 -34.22 3.30 2.91
CA PHE B 164 -33.61 3.89 4.09
C PHE B 164 -32.61 2.94 4.73
N GLY B 165 -31.45 3.49 5.10
CA GLY B 165 -30.48 2.76 5.89
C GLY B 165 -29.83 3.66 6.93
N SER B 166 -29.35 3.03 8.00
CA SER B 166 -28.72 3.74 9.11
C SER B 166 -27.34 3.17 9.39
N PHE B 167 -26.44 4.01 9.93
CA PHE B 167 -25.13 3.55 10.34
C PHE B 167 -24.67 4.32 11.57
N VAL B 168 -23.76 3.71 12.33
CA VAL B 168 -23.05 4.40 13.41
C VAL B 168 -21.54 4.21 13.29
N GLU B 169 -21.04 3.02 13.65
CA GLU B 169 -19.61 2.82 13.86
C GLU B 169 -19.30 1.33 13.86
N LYS B 170 -18.03 1.00 13.65
CA LYS B 170 -17.57 -0.35 13.93
C LYS B 170 -17.85 -0.68 15.38
N THR B 171 -18.38 -1.87 15.64
CA THR B 171 -18.76 -2.19 17.00
C THR B 171 -17.64 -2.89 17.76
N VAL B 172 -16.45 -2.30 17.79
CA VAL B 172 -15.32 -2.84 18.56
C VAL B 172 -14.58 -1.71 19.25
N MET B 173 -13.82 -2.08 20.27
CA MET B 173 -12.83 -1.20 20.87
C MET B 173 -11.82 -0.77 19.80
N PRO B 174 -11.36 0.49 19.80
CA PRO B 174 -11.67 1.56 20.75
C PRO B 174 -12.76 2.51 20.27
N TYR B 175 -13.43 2.16 19.17
CA TYR B 175 -14.38 3.08 18.56
C TYR B 175 -15.65 3.20 19.38
N ILE B 176 -16.01 2.14 20.09
CA ILE B 176 -17.11 2.19 21.04
C ILE B 176 -16.59 1.80 22.41
N SER B 177 -17.33 2.22 23.44
CA SER B 177 -17.09 1.73 24.79
C SER B 177 -17.56 0.29 24.87
N THR B 178 -16.80 -0.53 25.61
CA THR B 178 -17.09 -1.96 25.73
C THR B 178 -17.49 -2.37 27.14
N THR B 179 -17.86 -1.43 28.02
CA THR B 179 -18.44 -1.82 29.29
C THR B 179 -19.83 -2.41 29.05
N PRO B 180 -20.22 -3.45 29.80
CA PRO B 180 -21.56 -4.02 29.64
C PRO B 180 -22.65 -2.97 29.70
N ALA B 181 -22.48 -1.95 30.54
CA ALA B 181 -23.46 -0.88 30.63
C ALA B 181 -23.52 -0.12 29.32
N LYS B 182 -22.37 0.39 28.86
CA LYS B 182 -22.36 1.22 27.66
C LYS B 182 -22.58 0.42 26.39
N LEU B 183 -22.33 -0.89 26.42
CA LEU B 183 -22.70 -1.72 25.29
C LEU B 183 -24.22 -1.82 25.15
N ARG B 184 -24.96 -1.72 26.25
CA ARG B 184 -26.42 -1.69 26.18
C ARG B 184 -26.92 -0.32 25.74
N ASN B 185 -26.48 0.73 26.42
CA ASN B 185 -26.92 2.09 26.14
C ASN B 185 -25.69 2.98 26.12
N PRO B 186 -25.17 3.30 24.93
CA PRO B 186 -23.89 4.01 24.86
C PRO B 186 -23.98 5.47 25.29
N CYS B 187 -25.17 6.01 25.50
CA CYS B 187 -25.28 7.42 25.82
C CYS B 187 -25.25 7.63 27.32
N THR B 188 -25.49 8.87 27.75
CA THR B 188 -25.33 9.27 29.14
C THR B 188 -26.43 8.74 30.04
N SER B 189 -26.72 7.44 29.97
CA SER B 189 -27.68 6.75 30.85
C SER B 189 -29.10 7.33 30.78
N GLU B 190 -29.22 8.66 30.82
CA GLU B 190 -30.52 9.32 30.79
C GLU B 190 -31.25 9.05 29.48
N GLN B 191 -30.57 9.26 28.34
CA GLN B 191 -31.22 9.12 27.05
C GLN B 191 -31.66 7.69 26.77
N ASN B 192 -32.48 7.56 25.73
CA ASN B 192 -33.03 6.28 25.29
C ASN B 192 -32.32 5.78 24.03
N CYS B 193 -30.99 5.73 24.07
CA CYS B 193 -30.21 5.30 22.93
C CYS B 193 -30.17 3.78 22.83
N THR B 194 -30.28 3.26 21.61
CA THR B 194 -30.07 1.85 21.39
C THR B 194 -28.59 1.57 21.13
N SER B 195 -28.24 0.29 21.09
CA SER B 195 -26.85 -0.11 21.00
C SER B 195 -26.22 0.36 19.68
N PRO B 196 -24.91 0.59 19.68
CA PRO B 196 -24.22 0.93 18.43
C PRO B 196 -24.24 -0.24 17.46
N PHE B 197 -24.19 0.10 16.17
CA PHE B 197 -24.25 -0.88 15.10
C PHE B 197 -23.49 -0.36 13.89
N SER B 198 -23.10 -1.28 13.01
CA SER B 198 -22.30 -0.91 11.86
C SER B 198 -23.16 -0.35 10.74
N TYR B 199 -24.11 -1.14 10.25
CA TYR B 199 -25.00 -0.71 9.18
C TYR B 199 -26.30 -1.48 9.26
N LYS B 200 -27.42 -0.76 9.21
CA LYS B 200 -28.75 -1.35 9.22
C LYS B 200 -29.49 -0.93 7.96
N ASN B 201 -29.98 -1.91 7.21
CA ASN B 201 -30.86 -1.65 6.07
C ASN B 201 -32.30 -1.70 6.57
N VAL B 202 -32.79 -0.54 7.02
CA VAL B 202 -34.12 -0.47 7.61
C VAL B 202 -35.20 -0.83 6.60
N LEU B 203 -35.14 -0.21 5.41
CA LEU B 203 -36.18 -0.38 4.41
C LEU B 203 -35.55 -0.45 3.02
N SER B 204 -35.72 -1.57 2.34
CA SER B 204 -35.30 -1.67 0.95
C SER B 204 -36.13 -0.75 0.06
N LEU B 205 -35.61 -0.48 -1.13
CA LEU B 205 -36.30 0.40 -2.07
C LEU B 205 -37.73 -0.05 -2.34
N THR B 206 -38.66 0.88 -2.14
CA THR B 206 -40.07 0.64 -2.37
C THR B 206 -40.72 1.95 -2.81
N ASN B 207 -41.80 1.84 -3.57
CA ASN B 207 -42.58 3.03 -3.93
C ASN B 207 -43.54 3.44 -2.82
N LYS B 208 -43.69 2.62 -1.79
CA LYS B 208 -44.67 2.87 -0.73
C LYS B 208 -44.00 3.74 0.33
N GLY B 209 -44.03 5.06 0.11
CA GLY B 209 -43.49 6.01 1.07
C GLY B 209 -44.16 5.96 2.41
N GLU B 210 -45.39 5.43 2.45
CA GLU B 210 -46.08 5.21 3.72
C GLU B 210 -45.30 4.24 4.60
N VAL B 211 -44.66 3.24 3.98
CA VAL B 211 -43.87 2.28 4.74
C VAL B 211 -42.58 2.91 5.23
N PHE B 212 -41.99 3.80 4.42
CA PHE B 212 -40.79 4.53 4.82
C PHE B 212 -41.03 5.32 6.10
N ASN B 213 -42.11 6.11 6.13
CA ASN B 213 -42.42 6.90 7.32
C ASN B 213 -42.60 6.02 8.54
N GLU B 214 -43.34 4.92 8.39
CA GLU B 214 -43.59 4.00 9.50
C GLU B 214 -42.28 3.46 10.07
N LEU B 215 -41.38 3.02 9.20
CA LEU B 215 -40.17 2.32 9.64
C LEU B 215 -39.12 3.30 10.19
N VAL B 216 -38.95 4.44 9.54
CA VAL B 216 -38.04 5.45 10.07
C VAL B 216 -38.53 5.93 11.43
N GLY B 217 -39.84 6.02 11.60
CA GLY B 217 -40.40 6.42 12.88
C GLY B 217 -40.08 5.45 14.02
N LYS B 218 -39.78 4.20 13.70
CA LYS B 218 -39.48 3.20 14.71
C LYS B 218 -37.99 3.10 15.03
N GLN B 219 -37.14 3.82 14.30
CA GLN B 219 -35.70 3.74 14.52
C GLN B 219 -35.27 4.57 15.72
N ARG B 220 -34.30 4.04 16.47
CA ARG B 220 -33.79 4.66 17.68
C ARG B 220 -32.39 5.19 17.46
N ILE B 221 -32.09 6.37 18.01
CA ILE B 221 -30.77 6.96 17.90
C ILE B 221 -29.76 6.15 18.71
N SER B 222 -28.49 6.22 18.32
CA SER B 222 -27.42 5.48 18.97
C SER B 222 -26.30 6.45 19.35
N GLY B 223 -25.09 5.91 19.50
CA GLY B 223 -23.94 6.72 19.90
C GLY B 223 -22.69 5.87 19.91
N ASN B 224 -21.56 6.55 20.06
CA ASN B 224 -20.25 5.90 20.15
C ASN B 224 -19.24 6.91 20.68
N LEU B 225 -17.95 6.59 20.58
CA LEU B 225 -16.92 7.29 21.31
C LEU B 225 -16.18 8.35 20.50
N ASP B 226 -15.57 8.00 19.36
CA ASP B 226 -14.79 8.97 18.60
C ASP B 226 -15.65 9.71 17.59
N SER B 227 -15.21 10.94 17.24
CA SER B 227 -16.06 11.83 16.46
C SER B 227 -16.29 11.35 15.03
N PRO B 228 -15.25 11.07 14.21
CA PRO B 228 -15.53 10.60 12.85
C PRO B 228 -16.21 9.23 12.89
N GLU B 229 -17.14 9.01 11.96
CA GLU B 229 -18.03 7.88 12.00
C GLU B 229 -17.68 6.83 10.95
N GLY B 230 -18.46 5.74 10.95
CA GLY B 230 -18.18 4.56 10.16
C GLY B 230 -19.02 4.41 8.90
N GLY B 231 -19.44 5.53 8.31
CA GLY B 231 -20.33 5.46 7.16
C GLY B 231 -19.75 4.76 5.95
N PHE B 232 -18.42 4.79 5.79
CA PHE B 232 -17.82 4.16 4.61
C PHE B 232 -18.11 2.67 4.54
N ASP B 233 -18.18 1.99 5.70
CA ASP B 233 -18.58 0.59 5.69
C ASP B 233 -19.98 0.44 5.12
N ALA B 234 -20.90 1.32 5.51
CA ALA B 234 -22.28 1.22 5.05
C ALA B 234 -22.39 1.58 3.58
N ILE B 235 -21.63 2.59 3.13
CA ILE B 235 -21.64 2.94 1.71
C ILE B 235 -21.26 1.73 0.86
N MET B 236 -20.19 1.03 1.26
CA MET B 236 -19.77 -0.14 0.51
C MET B 236 -20.88 -1.17 0.42
N GLN B 237 -21.59 -1.42 1.52
CA GLN B 237 -22.66 -2.41 1.52
C GLN B 237 -23.78 -2.00 0.57
N VAL B 238 -24.21 -0.74 0.67
CA VAL B 238 -25.35 -0.29 -0.13
C VAL B 238 -25.07 -0.45 -1.62
N ALA B 239 -23.83 -0.24 -2.04
CA ALA B 239 -23.49 -0.31 -3.46
C ALA B 239 -23.39 -1.75 -3.96
N VAL B 240 -22.90 -2.67 -3.12
CA VAL B 240 -22.58 -4.02 -3.59
C VAL B 240 -23.62 -5.04 -3.17
N CYS B 241 -24.65 -4.63 -2.43
CA CYS B 241 -25.67 -5.58 -1.99
C CYS B 241 -26.82 -5.70 -2.97
N GLY B 242 -26.83 -4.90 -4.03
CA GLY B 242 -27.71 -5.12 -5.17
C GLY B 242 -29.18 -5.32 -4.85
N SER B 243 -29.68 -6.53 -5.06
CA SER B 243 -31.11 -6.79 -4.96
C SER B 243 -31.62 -6.68 -3.53
N LEU B 244 -30.76 -6.93 -2.54
CA LEU B 244 -31.17 -6.80 -1.14
C LEU B 244 -31.48 -5.35 -0.80
N ILE B 245 -30.89 -4.40 -1.51
CA ILE B 245 -31.25 -2.99 -1.39
C ILE B 245 -32.44 -2.69 -2.28
N GLY B 246 -32.52 -3.34 -3.44
CA GLY B 246 -33.62 -3.19 -4.36
C GLY B 246 -33.31 -2.42 -5.63
N TRP B 247 -32.04 -2.18 -5.93
CA TRP B 247 -31.67 -1.36 -7.08
C TRP B 247 -32.24 -1.92 -8.38
N ARG B 248 -32.84 -1.04 -9.18
CA ARG B 248 -33.20 -1.32 -10.56
C ARG B 248 -32.10 -0.78 -11.47
N ASN B 249 -32.19 -1.13 -12.75
CA ASN B 249 -31.27 -0.56 -13.73
C ASN B 249 -31.78 0.82 -14.17
N VAL B 250 -31.74 1.75 -13.22
CA VAL B 250 -32.21 3.12 -13.42
C VAL B 250 -31.16 4.08 -12.88
N THR B 251 -31.49 5.37 -12.80
CA THR B 251 -30.64 6.32 -12.12
C THR B 251 -30.68 6.06 -10.61
N ARG B 252 -29.52 5.75 -10.03
CA ARG B 252 -29.40 5.32 -8.65
C ARG B 252 -28.80 6.45 -7.81
N LEU B 253 -29.53 6.86 -6.78
CA LEU B 253 -29.08 7.91 -5.88
C LEU B 253 -28.85 7.34 -4.48
N LEU B 254 -27.67 7.60 -3.92
CA LEU B 254 -27.34 7.24 -2.55
C LEU B 254 -27.10 8.54 -1.79
N VAL B 255 -27.98 8.84 -0.85
CA VAL B 255 -27.84 10.02 -0.01
C VAL B 255 -27.09 9.62 1.26
N PHE B 256 -25.98 10.30 1.51
CA PHE B 256 -25.15 10.08 2.68
C PHE B 256 -25.31 11.29 3.59
N SER B 257 -25.94 11.09 4.74
CA SER B 257 -26.25 12.16 5.68
C SER B 257 -25.44 11.96 6.95
N THR B 258 -24.66 12.98 7.34
CA THR B 258 -23.81 12.88 8.52
C THR B 258 -23.42 14.28 8.97
N ASP B 259 -23.04 14.40 10.24
CA ASP B 259 -22.57 15.67 10.78
C ASP B 259 -21.13 15.62 11.27
N ALA B 260 -20.41 14.54 10.94
CA ALA B 260 -19.02 14.37 11.35
C ALA B 260 -18.18 13.93 10.15
N GLY B 261 -16.88 13.84 10.36
CA GLY B 261 -16.01 13.27 9.37
C GLY B 261 -16.21 11.77 9.25
N PHE B 262 -15.27 11.13 8.58
CA PHE B 262 -15.38 9.73 8.20
C PHE B 262 -14.11 8.97 8.54
N HIS B 263 -14.26 7.70 8.86
CA HIS B 263 -13.15 6.76 8.89
C HIS B 263 -12.95 6.15 7.50
N PHE B 264 -11.73 5.69 7.25
CA PHE B 264 -11.39 5.02 6.00
C PHE B 264 -10.26 4.03 6.27
N ALA B 265 -9.85 3.32 5.22
CA ALA B 265 -8.86 2.26 5.33
C ALA B 265 -7.65 2.73 6.12
N GLY B 266 -7.13 1.86 6.99
CA GLY B 266 -6.04 2.19 7.89
C GLY B 266 -6.50 2.44 9.31
N ASP B 267 -7.69 3.03 9.47
CA ASP B 267 -8.24 3.29 10.79
C ASP B 267 -8.54 2.00 11.53
N GLY B 268 -8.84 0.91 10.82
CA GLY B 268 -9.16 -0.34 11.47
C GLY B 268 -8.05 -0.89 12.34
N LYS B 269 -6.80 -0.54 12.03
CA LYS B 269 -5.67 -1.12 12.74
C LYS B 269 -5.74 -0.85 14.25
N LEU B 270 -6.33 0.27 14.66
CA LEU B 270 -6.45 0.57 16.08
C LEU B 270 -7.28 -0.48 16.81
N GLY B 271 -8.29 -1.04 16.15
CA GLY B 271 -9.12 -2.06 16.73
C GLY B 271 -8.66 -3.44 16.32
N GLY B 272 -7.44 -3.53 15.80
CA GLY B 272 -6.92 -4.80 15.34
C GLY B 272 -7.58 -5.33 14.09
N ILE B 273 -8.23 -4.48 13.31
CA ILE B 273 -8.81 -4.86 12.03
C ILE B 273 -7.78 -4.51 10.96
N VAL B 274 -7.11 -5.55 10.43
CA VAL B 274 -5.92 -5.33 9.62
C VAL B 274 -6.04 -6.07 8.30
N LEU B 275 -7.27 -6.36 7.90
CA LEU B 275 -7.62 -6.97 6.63
C LEU B 275 -8.41 -5.96 5.81
N PRO B 276 -8.01 -5.69 4.57
CA PRO B 276 -8.73 -4.70 3.77
C PRO B 276 -10.19 -5.08 3.56
N ASN B 277 -11.04 -4.07 3.45
CA ASN B 277 -12.40 -4.27 3.01
C ASN B 277 -12.42 -5.10 1.73
N ASP B 278 -13.23 -6.15 1.71
CA ASP B 278 -13.23 -7.08 0.58
C ASP B 278 -14.27 -6.75 -0.47
N GLY B 279 -15.07 -5.71 -0.28
CA GLY B 279 -16.00 -5.27 -1.31
C GLY B 279 -17.08 -6.24 -1.69
N GLN B 280 -17.53 -7.07 -0.75
CA GLN B 280 -18.64 -7.99 -0.96
C GLN B 280 -19.77 -7.61 -0.03
N CYS B 281 -20.98 -8.06 -0.36
CA CYS B 281 -22.13 -7.87 0.52
C CYS B 281 -22.08 -8.88 1.67
N HIS B 282 -22.30 -8.39 2.89
CA HIS B 282 -22.27 -9.25 4.08
C HIS B 282 -23.40 -8.88 5.02
N LEU B 283 -24.62 -8.77 4.47
CA LEU B 283 -25.80 -8.45 5.26
C LEU B 283 -26.46 -9.72 5.78
N GLU B 284 -26.82 -9.71 7.06
CA GLU B 284 -27.64 -10.75 7.66
C GLU B 284 -28.73 -10.07 8.45
N ASN B 285 -30.00 -10.40 8.13
CA ASN B 285 -31.15 -9.69 8.69
C ASN B 285 -30.99 -8.18 8.55
N ASN B 286 -30.49 -7.76 7.38
CA ASN B 286 -30.27 -6.35 7.05
C ASN B 286 -29.22 -5.70 7.96
N MET B 287 -28.32 -6.50 8.52
CA MET B 287 -27.22 -5.98 9.32
C MET B 287 -25.88 -6.39 8.71
N TYR B 288 -24.95 -5.43 8.69
CA TYR B 288 -23.57 -5.72 8.33
C TYR B 288 -22.90 -6.42 9.49
N THR B 289 -22.42 -7.64 9.27
CA THR B 289 -21.89 -8.48 10.33
C THR B 289 -20.38 -8.59 10.31
N MET B 290 -19.71 -7.88 9.39
CA MET B 290 -18.28 -8.07 9.18
C MET B 290 -17.45 -6.84 9.49
N SER B 291 -18.03 -5.84 10.17
CA SER B 291 -17.28 -4.62 10.47
C SER B 291 -16.18 -4.87 11.48
N HIS B 292 -16.30 -5.93 12.27
CA HIS B 292 -15.24 -6.31 13.18
C HIS B 292 -14.08 -6.99 12.48
N TYR B 293 -14.27 -7.40 11.22
CA TYR B 293 -13.32 -8.25 10.52
C TYR B 293 -12.69 -7.57 9.31
N TYR B 294 -13.45 -6.80 8.54
CA TYR B 294 -12.93 -6.04 7.41
C TYR B 294 -12.75 -4.58 7.78
N ASP B 295 -11.63 -4.02 7.34
CA ASP B 295 -11.31 -2.62 7.57
C ASP B 295 -12.33 -1.73 6.88
N TYR B 296 -12.28 -0.44 7.20
CA TYR B 296 -13.06 0.53 6.44
C TYR B 296 -12.61 0.52 4.97
N PRO B 297 -13.52 0.84 4.06
CA PRO B 297 -13.12 1.03 2.66
C PRO B 297 -12.24 2.26 2.51
N SER B 298 -11.38 2.21 1.49
CA SER B 298 -10.61 3.38 1.08
C SER B 298 -11.46 4.25 0.15
N ILE B 299 -10.99 5.46 -0.10
CA ILE B 299 -11.62 6.31 -1.13
C ILE B 299 -11.64 5.58 -2.46
N ALA B 300 -10.50 4.98 -2.83
CA ALA B 300 -10.38 4.31 -4.12
C ALA B 300 -11.30 3.10 -4.23
N HIS B 301 -11.44 2.36 -3.12
CA HIS B 301 -12.33 1.20 -3.13
C HIS B 301 -13.77 1.62 -3.32
N LEU B 302 -14.20 2.66 -2.60
CA LEU B 302 -15.55 3.18 -2.81
C LEU B 302 -15.73 3.66 -4.23
N VAL B 303 -14.72 4.34 -4.78
CA VAL B 303 -14.79 4.79 -6.18
C VAL B 303 -15.08 3.62 -7.10
N GLN B 304 -14.31 2.55 -6.98
CA GLN B 304 -14.49 1.39 -7.84
C GLN B 304 -15.92 0.85 -7.73
N LYS B 305 -16.39 0.59 -6.50
CA LYS B 305 -17.66 -0.10 -6.37
C LYS B 305 -18.85 0.81 -6.59
N LEU B 306 -18.73 2.11 -6.28
CA LEU B 306 -19.78 3.05 -6.65
C LEU B 306 -19.91 3.17 -8.17
N SER B 307 -18.77 3.31 -8.87
CA SER B 307 -18.81 3.38 -10.33
C SER B 307 -19.33 2.07 -10.93
N GLU B 308 -18.81 0.94 -10.45
CA GLU B 308 -19.16 -0.36 -11.01
C GLU B 308 -20.64 -0.66 -10.83
N ASN B 309 -21.21 -0.28 -9.69
CA ASN B 309 -22.63 -0.48 -9.46
C ASN B 309 -23.44 0.77 -9.76
N ASN B 310 -22.83 1.76 -10.44
CA ASN B 310 -23.53 2.85 -11.10
C ASN B 310 -24.40 3.68 -10.14
N ILE B 311 -23.79 4.09 -9.02
CA ILE B 311 -24.49 4.87 -7.99
C ILE B 311 -23.94 6.29 -7.94
N GLN B 312 -24.82 7.28 -7.98
CA GLN B 312 -24.45 8.68 -7.85
C GLN B 312 -24.72 9.11 -6.42
N THR B 313 -23.68 9.62 -5.75
CA THR B 313 -23.73 9.85 -4.31
C THR B 313 -23.94 11.32 -4.02
N ILE B 314 -24.87 11.61 -3.11
CA ILE B 314 -25.17 12.96 -2.65
C ILE B 314 -24.70 13.07 -1.20
N PHE B 315 -23.71 13.92 -0.96
CA PHE B 315 -23.18 14.14 0.39
C PHE B 315 -23.97 15.26 1.06
N ALA B 316 -24.85 14.89 1.99
CA ALA B 316 -25.63 15.86 2.76
C ALA B 316 -25.00 15.98 4.14
N VAL B 317 -24.08 16.94 4.28
CA VAL B 317 -23.28 17.07 5.50
C VAL B 317 -23.39 18.50 6.01
N THR B 318 -23.25 18.64 7.33
CA THR B 318 -23.45 19.94 7.97
C THR B 318 -22.34 20.91 7.58
N GLU B 319 -22.61 22.19 7.81
CA GLU B 319 -21.74 23.27 7.36
C GLU B 319 -20.28 23.04 7.76
N GLU B 320 -20.03 22.74 9.03
CA GLU B 320 -18.65 22.72 9.50
C GLU B 320 -17.79 21.68 8.79
N PHE B 321 -18.41 20.65 8.20
CA PHE B 321 -17.69 19.64 7.46
C PHE B 321 -17.86 19.79 5.94
N GLN B 322 -18.34 20.95 5.49
CA GLN B 322 -18.35 21.24 4.06
C GLN B 322 -16.96 21.15 3.44
N PRO B 323 -15.90 21.73 4.01
CA PRO B 323 -14.57 21.58 3.39
C PRO B 323 -14.17 20.13 3.18
N VAL B 324 -14.40 19.28 4.17
CA VAL B 324 -13.98 17.88 4.09
C VAL B 324 -14.74 17.15 2.97
N TYR B 325 -16.06 17.25 2.96
CA TYR B 325 -16.84 16.48 2.01
C TYR B 325 -16.79 17.08 0.60
N LYS B 326 -16.53 18.37 0.46
CA LYS B 326 -16.37 18.95 -0.87
C LYS B 326 -15.11 18.41 -1.54
N GLU B 327 -14.04 18.21 -0.76
CA GLU B 327 -12.87 17.55 -1.32
C GLU B 327 -13.15 16.08 -1.62
N LEU B 328 -13.93 15.42 -0.76
CA LEU B 328 -14.32 14.04 -1.03
C LEU B 328 -15.08 13.95 -2.35
N LYS B 329 -15.95 14.91 -2.61
CA LYS B 329 -16.74 14.89 -3.85
C LYS B 329 -15.85 14.97 -5.07
N ASN B 330 -14.73 15.71 -4.98
CA ASN B 330 -13.83 15.85 -6.12
C ASN B 330 -13.15 14.54 -6.46
N LEU B 331 -13.07 13.61 -5.52
CA LEU B 331 -12.43 12.33 -5.77
C LEU B 331 -13.41 11.24 -6.16
N ILE B 332 -14.71 11.41 -5.86
CA ILE B 332 -15.72 10.40 -6.14
C ILE B 332 -16.50 10.87 -7.37
N PRO B 333 -16.39 10.18 -8.51
CA PRO B 333 -17.10 10.64 -9.71
C PRO B 333 -18.60 10.50 -9.53
N LYS B 334 -19.32 11.50 -10.06
CA LYS B 334 -20.78 11.59 -9.91
C LYS B 334 -21.17 11.62 -8.43
N SER B 335 -20.61 12.61 -7.75
CA SER B 335 -20.93 12.89 -6.37
C SER B 335 -21.28 14.37 -6.23
N ALA B 336 -22.05 14.69 -5.20
CA ALA B 336 -22.49 16.05 -4.96
C ALA B 336 -22.44 16.33 -3.47
N VAL B 337 -22.22 17.59 -3.12
CA VAL B 337 -22.23 18.03 -1.73
C VAL B 337 -23.30 19.10 -1.57
N GLY B 338 -24.13 18.94 -0.54
CA GLY B 338 -25.05 19.98 -0.14
C GLY B 338 -24.89 20.23 1.35
N THR B 339 -25.32 21.41 1.77
CA THR B 339 -25.17 21.81 3.17
C THR B 339 -26.44 21.44 3.93
N LEU B 340 -26.30 20.54 4.90
CA LEU B 340 -27.42 20.06 5.70
C LEU B 340 -27.70 21.02 6.85
N SER B 341 -28.98 21.35 7.05
CA SER B 341 -29.37 22.21 8.16
C SER B 341 -29.24 21.49 9.49
N ALA B 342 -29.58 22.20 10.57
CA ALA B 342 -29.35 21.72 11.93
C ALA B 342 -30.08 20.40 12.18
N ASN B 343 -31.40 20.44 12.26
CA ASN B 343 -32.20 19.23 12.41
C ASN B 343 -32.55 18.58 11.07
N SER B 344 -31.75 18.83 10.03
CA SER B 344 -31.95 18.24 8.71
C SER B 344 -33.32 18.60 8.13
N SER B 345 -33.51 19.89 7.88
CA SER B 345 -34.79 20.41 7.40
C SER B 345 -34.83 20.57 5.88
N ASN B 346 -33.73 21.02 5.28
CA ASN B 346 -33.67 21.31 3.86
C ASN B 346 -33.25 20.11 3.04
N VAL B 347 -33.42 18.90 3.60
CA VAL B 347 -32.93 17.70 2.93
C VAL B 347 -33.63 17.51 1.59
N ILE B 348 -34.90 17.89 1.51
CA ILE B 348 -35.64 17.73 0.26
C ILE B 348 -35.07 18.67 -0.79
N GLN B 349 -35.00 19.97 -0.48
CA GLN B 349 -34.46 20.94 -1.42
C GLN B 349 -32.99 20.67 -1.71
N LEU B 350 -32.25 20.20 -0.71
CA LEU B 350 -30.86 19.80 -0.94
C LEU B 350 -30.78 18.69 -1.98
N ILE B 351 -31.61 17.65 -1.82
CA ILE B 351 -31.60 16.54 -2.76
C ILE B 351 -31.95 17.02 -4.16
N ILE B 352 -32.98 17.86 -4.27
CA ILE B 352 -33.39 18.38 -5.58
C ILE B 352 -32.26 19.15 -6.23
N ASP B 353 -31.59 20.01 -5.46
CA ASP B 353 -30.46 20.77 -5.99
C ASP B 353 -29.35 19.84 -6.46
N ALA B 354 -29.13 18.73 -5.74
CA ALA B 354 -28.10 17.79 -6.13
C ALA B 354 -28.45 17.09 -7.44
N TYR B 355 -29.68 16.57 -7.53
CA TYR B 355 -30.10 15.87 -8.75
C TYR B 355 -29.95 16.76 -9.98
N ASN B 356 -30.41 18.01 -9.89
CA ASN B 356 -30.26 18.93 -11.01
C ASN B 356 -28.78 19.13 -11.35
N SER B 357 -27.93 19.19 -10.31
CA SER B 357 -26.49 19.32 -10.55
C SER B 357 -25.94 18.07 -11.21
N LEU B 358 -26.32 16.89 -10.69
CA LEU B 358 -25.87 15.64 -11.29
C LEU B 358 -26.48 15.44 -12.68
N SER B 359 -27.76 15.77 -12.84
CA SER B 359 -28.44 15.53 -14.11
C SER B 359 -28.06 16.52 -15.20
N SER B 360 -27.44 17.66 -14.85
CA SER B 360 -27.11 18.66 -15.85
C SER B 360 -25.71 18.48 -16.42
N GLU B 361 -24.99 17.45 -15.99
CA GLU B 361 -23.65 17.15 -16.48
C GLU B 361 -23.57 15.70 -16.88
N VAL B 362 -22.99 15.46 -18.06
CA VAL B 362 -22.69 14.10 -18.53
C VAL B 362 -21.17 13.97 -18.60
N ILE B 363 -20.67 12.82 -18.14
CA ILE B 363 -19.24 12.56 -18.10
C ILE B 363 -19.01 11.21 -18.76
N LEU B 364 -18.30 11.21 -19.89
CA LEU B 364 -17.99 9.98 -20.59
C LEU B 364 -16.73 9.36 -20.02
N GLU B 365 -16.76 8.04 -19.89
CA GLU B 365 -15.58 7.27 -19.55
C GLU B 365 -15.37 6.20 -20.61
N ASN B 366 -14.12 5.84 -20.82
CA ASN B 366 -13.79 4.72 -21.69
C ASN B 366 -13.13 3.63 -20.86
N GLY B 367 -13.28 2.39 -21.30
CA GLY B 367 -12.67 1.28 -20.62
C GLY B 367 -11.17 1.28 -20.81
N LYS B 368 -10.55 0.17 -20.40
CA LYS B 368 -9.10 0.06 -20.51
C LYS B 368 -8.72 0.09 -21.98
N LEU B 369 -7.76 0.95 -22.32
CA LEU B 369 -7.29 1.13 -23.69
C LEU B 369 -5.99 0.39 -23.89
N SER B 370 -5.78 -0.09 -25.12
CA SER B 370 -4.56 -0.79 -25.46
C SER B 370 -3.36 0.16 -25.46
N GLU B 371 -2.18 -0.41 -25.28
CA GLU B 371 -0.95 0.36 -25.32
C GLU B 371 -0.60 0.75 -26.75
N GLY B 372 -0.13 1.98 -26.91
CA GLY B 372 0.26 2.50 -28.20
C GLY B 372 -0.85 3.17 -28.99
N VAL B 373 -2.11 3.04 -28.57
CA VAL B 373 -3.24 3.70 -29.22
C VAL B 373 -3.75 4.78 -28.29
N THR B 374 -4.11 5.93 -28.87
CA THR B 374 -4.48 7.10 -28.11
C THR B 374 -5.88 7.59 -28.50
N ILE B 375 -6.53 8.25 -27.55
CA ILE B 375 -7.91 8.72 -27.70
C ILE B 375 -8.00 10.17 -27.26
N SER B 376 -8.77 10.97 -28.02
CA SER B 376 -8.99 12.38 -27.70
C SER B 376 -10.47 12.71 -27.81
N TYR B 377 -10.91 13.62 -26.96
CA TYR B 377 -12.31 14.06 -26.90
C TYR B 377 -12.43 15.54 -27.25
N LYS B 378 -13.50 15.89 -27.98
CA LYS B 378 -13.92 17.27 -28.16
C LYS B 378 -15.41 17.39 -27.85
N SER B 379 -15.77 18.40 -27.06
CA SER B 379 -17.16 18.63 -26.68
C SER B 379 -17.76 19.77 -27.49
N TYR B 380 -19.04 19.63 -27.82
CA TYR B 380 -19.81 20.68 -28.50
C TYR B 380 -21.09 20.88 -27.70
N CYS B 381 -20.98 21.60 -26.58
CA CYS B 381 -22.06 21.69 -25.62
C CYS B 381 -23.03 22.81 -26.03
N LYS B 382 -23.92 23.19 -25.12
CA LYS B 382 -24.91 24.21 -25.43
C LYS B 382 -24.24 25.58 -25.53
N ASN B 383 -24.86 26.46 -26.31
CA ASN B 383 -24.33 27.79 -26.61
C ASN B 383 -23.03 27.69 -27.39
N GLY B 384 -22.84 26.60 -28.13
CA GLY B 384 -21.68 26.39 -28.98
C GLY B 384 -20.36 26.52 -28.28
N VAL B 385 -20.31 26.31 -26.96
CA VAL B 385 -19.05 26.37 -26.23
C VAL B 385 -18.34 25.04 -26.44
N ASN B 386 -17.20 25.08 -27.09
CA ASN B 386 -16.48 23.87 -27.47
C ASN B 386 -15.29 23.70 -26.53
N GLY B 387 -15.30 22.61 -25.78
CA GLY B 387 -14.25 22.33 -24.81
C GLY B 387 -13.27 21.30 -25.36
N THR B 388 -12.01 21.47 -25.00
CA THR B 388 -10.93 20.60 -25.46
C THR B 388 -10.16 20.06 -24.27
N GLY B 389 -9.27 19.12 -24.57
CA GLY B 389 -8.56 18.43 -23.51
C GLY B 389 -9.52 17.60 -22.69
N GLU B 390 -9.28 17.55 -21.37
CA GLU B 390 -10.18 16.81 -20.49
C GLU B 390 -11.54 17.48 -20.39
N ASN B 391 -11.67 18.73 -20.82
CA ASN B 391 -12.97 19.39 -20.84
C ASN B 391 -13.85 18.85 -21.96
N GLY B 392 -13.26 18.20 -22.97
CA GLY B 392 -14.03 17.69 -24.08
C GLY B 392 -14.88 16.48 -23.77
N ARG B 393 -14.60 15.77 -22.68
CA ARG B 393 -15.36 14.57 -22.34
C ARG B 393 -16.55 14.85 -21.44
N LYS B 394 -16.87 16.12 -21.19
CA LYS B 394 -18.00 16.46 -20.33
C LYS B 394 -18.71 17.68 -20.89
N CYS B 395 -20.02 17.74 -20.63
CA CYS B 395 -20.84 18.91 -20.92
C CYS B 395 -21.71 19.21 -19.70
N SER B 396 -21.97 20.50 -19.49
CA SER B 396 -22.73 20.98 -18.34
C SER B 396 -23.91 21.80 -18.81
N ASN B 397 -24.76 22.18 -17.85
CA ASN B 397 -25.92 23.03 -18.14
C ASN B 397 -26.86 22.35 -19.14
N ILE B 398 -26.98 21.02 -19.03
CA ILE B 398 -27.82 20.22 -19.90
C ILE B 398 -29.23 20.19 -19.35
N SER B 399 -30.17 20.80 -20.06
CA SER B 399 -31.55 20.74 -19.64
C SER B 399 -32.17 19.40 -20.05
N ILE B 400 -33.27 19.05 -19.36
CA ILE B 400 -34.02 17.85 -19.71
C ILE B 400 -34.35 17.86 -21.19
N GLY B 401 -34.05 16.74 -21.86
CA GLY B 401 -34.38 16.62 -23.26
C GLY B 401 -33.37 17.21 -24.22
N ASP B 402 -32.40 17.96 -23.73
CA ASP B 402 -31.40 18.59 -24.59
C ASP B 402 -30.52 17.55 -25.26
N GLU B 403 -29.97 17.95 -26.41
CA GLU B 403 -29.01 17.13 -27.15
C GLU B 403 -27.65 17.79 -27.15
N VAL B 404 -26.60 16.97 -27.01
CA VAL B 404 -25.21 17.41 -27.16
C VAL B 404 -24.46 16.37 -27.98
N GLN B 405 -23.28 16.77 -28.47
CA GLN B 405 -22.48 15.93 -29.35
C GLN B 405 -21.02 15.94 -28.92
N PHE B 406 -20.36 14.80 -29.11
CA PHE B 406 -18.92 14.65 -28.87
C PHE B 406 -18.30 13.97 -30.09
N GLU B 407 -17.18 14.51 -30.58
CA GLU B 407 -16.38 13.82 -31.59
C GLU B 407 -15.13 13.24 -30.95
N ILE B 408 -14.91 11.94 -31.17
CA ILE B 408 -13.81 11.19 -30.55
C ILE B 408 -12.87 10.71 -31.66
N SER B 409 -11.59 11.02 -31.51
CA SER B 409 -10.56 10.64 -32.46
C SER B 409 -9.66 9.58 -31.86
N ILE B 410 -9.38 8.52 -32.62
CA ILE B 410 -8.48 7.46 -32.21
C ILE B 410 -7.31 7.41 -33.19
N THR B 411 -6.09 7.36 -32.66
CA THR B 411 -4.88 7.30 -33.47
C THR B 411 -4.01 6.16 -32.96
N SER B 412 -3.46 5.38 -33.90
CA SER B 412 -2.75 4.15 -33.58
C SER B 412 -1.23 4.34 -33.70
N ASN B 413 -0.50 3.23 -33.54
CA ASN B 413 0.96 3.19 -33.68
C ASN B 413 1.39 1.80 -34.17
N LYS B 414 1.67 0.91 -33.23
CA LYS B 414 2.03 -0.47 -33.55
C LYS B 414 0.78 -1.26 -33.89
N CYS B 415 0.81 -2.58 -33.67
CA CYS B 415 -0.44 -3.33 -33.73
C CYS B 415 -0.37 -4.60 -32.87
N PRO B 416 -1.16 -4.67 -31.79
CA PRO B 416 -1.11 -5.84 -30.90
C PRO B 416 -1.68 -7.12 -31.51
N LYS B 417 -1.86 -8.13 -30.67
CA LYS B 417 -2.30 -9.44 -31.13
C LYS B 417 -3.79 -9.43 -31.48
N LYS B 418 -4.24 -10.52 -32.10
CA LYS B 418 -5.66 -10.81 -32.35
C LYS B 418 -6.34 -9.78 -33.25
N ASP B 419 -5.87 -8.53 -33.23
CA ASP B 419 -6.42 -7.43 -34.02
C ASP B 419 -7.86 -7.13 -33.60
N SER B 420 -8.38 -7.85 -32.61
CA SER B 420 -9.75 -7.69 -32.12
C SER B 420 -9.72 -7.09 -30.73
N ASP B 421 -9.58 -5.77 -30.67
CA ASP B 421 -9.72 -5.02 -29.43
C ASP B 421 -11.10 -4.38 -29.41
N SER B 422 -11.78 -4.49 -28.27
CA SER B 422 -13.10 -3.91 -28.10
C SER B 422 -13.20 -3.33 -26.70
N PHE B 423 -13.27 -2.01 -26.62
CA PHE B 423 -13.52 -1.31 -25.37
C PHE B 423 -14.87 -0.61 -25.42
N LYS B 424 -15.36 -0.21 -24.26
CA LYS B 424 -16.64 0.46 -24.16
C LYS B 424 -16.42 1.94 -23.85
N ILE B 425 -17.35 2.76 -24.32
CA ILE B 425 -17.46 4.16 -23.91
C ILE B 425 -18.80 4.29 -23.22
N ARG B 426 -18.82 4.96 -22.06
CA ARG B 426 -20.02 5.00 -21.26
C ARG B 426 -20.17 6.35 -20.56
N PRO B 427 -21.41 6.84 -20.44
CA PRO B 427 -21.65 8.02 -19.61
C PRO B 427 -21.77 7.62 -18.15
N LEU B 428 -20.95 8.25 -17.30
CA LEU B 428 -20.98 7.95 -15.87
C LEU B 428 -22.38 8.09 -15.31
N GLY B 429 -22.83 7.06 -14.62
CA GLY B 429 -24.17 7.03 -14.05
C GLY B 429 -25.21 6.30 -14.86
N PHE B 430 -24.87 5.81 -16.06
CA PHE B 430 -25.84 5.13 -16.92
C PHE B 430 -25.31 3.78 -17.38
N THR B 431 -26.24 2.90 -17.71
CA THR B 431 -25.92 1.55 -18.19
C THR B 431 -25.58 1.53 -19.68
N GLU B 432 -26.22 2.38 -20.49
CA GLU B 432 -25.95 2.42 -21.93
C GLU B 432 -24.48 2.62 -22.21
N GLU B 433 -23.96 1.89 -23.20
CA GLU B 433 -22.55 2.05 -23.55
C GLU B 433 -22.37 1.87 -25.06
N VAL B 434 -21.29 2.45 -25.56
CA VAL B 434 -20.92 2.38 -26.97
C VAL B 434 -19.72 1.45 -27.11
N GLU B 435 -19.89 0.38 -27.88
CA GLU B 435 -18.81 -0.58 -28.11
C GLU B 435 -18.02 -0.13 -29.33
N VAL B 436 -16.78 0.29 -29.11
CA VAL B 436 -15.89 0.69 -30.18
C VAL B 436 -14.93 -0.45 -30.42
N ILE B 437 -15.02 -1.07 -31.59
CA ILE B 437 -14.21 -2.22 -31.96
C ILE B 437 -13.08 -1.72 -32.86
N LEU B 438 -11.86 -2.17 -32.58
CA LEU B 438 -10.66 -1.68 -33.23
C LEU B 438 -10.08 -2.73 -34.16
N GLN B 439 -9.61 -2.28 -35.33
CA GLN B 439 -8.83 -3.10 -36.25
C GLN B 439 -7.59 -2.31 -36.63
N TYR B 440 -6.43 -2.98 -36.56
CA TYR B 440 -5.13 -2.35 -36.80
C TYR B 440 -4.55 -2.86 -38.11
N ILE B 441 -4.24 -1.96 -39.02
CA ILE B 441 -3.62 -2.31 -40.30
C ILE B 441 -2.14 -2.56 -40.04
N CYS B 442 -1.71 -3.82 -40.17
CA CYS B 442 -0.32 -4.19 -39.92
C CYS B 442 0.43 -4.36 -41.23
#